data_6PX6
#
_entry.id   6PX6
#
_cell.length_a   72.534
_cell.length_b   99.416
_cell.length_c   72.565
_cell.angle_alpha   90.000
_cell.angle_beta   118.264
_cell.angle_gamma   90.000
#
_symmetry.space_group_name_H-M   'P 1 21 1'
#
loop_
_entity.id
_entity.type
_entity.pdbx_description
1 polymer 'HLA class II histocompatibility antigen DQ alpha chain'
2 polymer 'HLA class II histocompatibility antigen DQ beta chain'
3 polymer DQ2.2-glut-L1
4 polymer 'T-cell receptor, T1005.2.56, alpha chain,Human nkt tcr alpha chain'
5 polymer 'T-cell receptor, T1005.2.56, beta chain'
6 water water
#
loop_
_entity_poly.entity_id
_entity_poly.type
_entity_poly.pdbx_seq_one_letter_code
_entity_poly.pdbx_strand_id
1 'polypeptide(L)'
;MILNKALMLGALALTTVMSPCGGEDIVADHVASYGVNLYQSYGPSGQFTHEFDGDEEFYVDLERKETVWKLPLFHRLRFD
PQFALTNIAVLKHNLNILIKRSNSTAATNEVPEVTVFSKSPVTLGQPNTLICLVDNIFPPVVNITWLSNGHSVTEGVSET
SFLSKSDHSFFKISYLTFLPSADEIYDCKVEHWGLDEPLLKHWEPEIPAPMSELTETVVCALGLSVGLVGIVVGTVLIIR
GLRSVGASRHQGPL
;
A
2 'polypeptide(L)'
;MSWKKALRIPGGLRAATVTLMLSMLSTPVAEGRDSPEDFVYQFKGMCYFTNGTERVRLVSRSIYNREEIVRFDSDVGEFR
AVTLLGLPAAEYWNSQKDILERKRAAVDRVCRHNYQLELRTTLQRRVEPTVTISPSRTEALNHHNLLVCSVTDFYPAQIK
VRWFRNGQEETAGVVSTPLIRNGDWTFQILVMLEMTPQRGDVYTCHVEHPSLQSPITVEWRAQSESAQSKMLSGIGGFVL
GLIFLGLGLIIHHRSQKGLLH
;
B
3 'polypeptide(L)' APFSEQEQPVLG C
4 'polypeptide(L)'
;MKQEVTQIPAALSVPEGENLVLNCSFTDSAIYNLQWFRQDPGKGLTSLLLIQSSQREQTSGRLNASLDKSSGRSTLYIAA
SQPGDSATYLCAVHTGARLMFGDGTQLVVKPNIQNPDPAVYQLRDSKSSDKSVCLFTDFDSQTNVSQSKDSDVYITDKCV
LDMRSMDFKSNSAVAWSNKSDFACANAFNNSIIPEDTFFPSPESSKLAAALEHHHHH
;
D
5 'polypeptide(L)'
;MGVSQTPSNKVTEKGKYVELRCDPISGHTALYWYRQSLGQGPEFLIYFQGTGAADDSGLPNDRFFAVRPEGSVSTLKIQR
TERGDSAVYLCASSHGASTDTQYFGPGTRLTVLEDLKNVFPPEVAVFEPSEAEISHTQKATLVCLATGFFPDHVELSWWV
NGKEVHSGVCTDPQPLKEQPALNDSRYALSSRLRVSATFWQNPRNHFRCQVQFYGLSENDEWTQDRAKPVTQIVSAEAWG
RADKLAAALEHHHHHH
;
E
#
# COMPACT_ATOMS: atom_id res chain seq x y z
N VAL A 27 -29.20 -10.19 14.30
CA VAL A 27 -30.23 -9.16 14.34
C VAL A 27 -29.63 -7.79 14.04
N ALA A 28 -30.23 -7.08 13.09
CA ALA A 28 -29.72 -5.78 12.68
C ALA A 28 -30.80 -5.06 11.87
N ASP A 29 -30.65 -3.73 11.80
CA ASP A 29 -31.53 -2.94 10.95
C ASP A 29 -31.07 -2.97 9.50
N HIS A 30 -29.76 -2.92 9.28
CA HIS A 30 -29.17 -3.05 7.95
C HIS A 30 -28.02 -4.04 8.03
N VAL A 31 -27.70 -4.64 6.90
CA VAL A 31 -26.54 -5.52 6.78
C VAL A 31 -25.91 -5.30 5.42
N ALA A 32 -24.69 -4.76 5.41
CA ALA A 32 -23.95 -4.50 4.19
C ALA A 32 -22.80 -5.47 4.05
N SER A 33 -22.31 -5.61 2.83
CA SER A 33 -21.15 -6.45 2.55
C SER A 33 -20.14 -5.59 1.82
N TYR A 34 -19.37 -4.82 2.59
CA TYR A 34 -18.33 -3.93 2.07
C TYR A 34 -17.09 -4.76 1.78
N GLY A 35 -17.22 -5.60 0.74
CA GLY A 35 -16.18 -6.54 0.38
C GLY A 35 -16.74 -7.91 0.11
N VAL A 36 -17.30 -8.12 -1.07
CA VAL A 36 -17.64 -9.45 -1.56
C VAL A 36 -16.59 -9.81 -2.58
N ASN A 37 -15.58 -10.55 -2.16
CA ASN A 37 -14.46 -10.91 -3.02
C ASN A 37 -14.63 -12.34 -3.51
N LEU A 38 -14.22 -12.57 -4.76
CA LEU A 38 -14.45 -13.84 -5.42
C LEU A 38 -13.26 -14.19 -6.29
N TYR A 39 -12.81 -15.44 -6.21
CA TYR A 39 -11.82 -15.96 -7.15
C TYR A 39 -12.03 -17.46 -7.28
N GLN A 40 -12.42 -17.90 -8.46
CA GLN A 40 -12.49 -19.31 -8.79
C GLN A 40 -11.40 -19.65 -9.80
N SER A 41 -10.91 -20.87 -9.72
CA SER A 41 -9.81 -21.32 -10.57
C SER A 41 -10.26 -21.72 -11.97
N TYR A 42 -11.57 -21.69 -12.26
CA TYR A 42 -12.08 -22.16 -13.53
C TYR A 42 -11.54 -21.36 -14.71
N GLY A 43 -11.92 -20.09 -14.79
CA GLY A 43 -11.49 -19.23 -15.88
C GLY A 43 -10.00 -19.20 -16.17
N PRO A 44 -9.18 -18.72 -15.22
CA PRO A 44 -9.55 -18.22 -13.89
C PRO A 44 -10.30 -16.90 -13.94
N SER A 45 -11.32 -16.76 -13.10
CA SER A 45 -12.15 -15.57 -13.09
C SER A 45 -12.41 -15.16 -11.64
N GLY A 46 -12.80 -13.90 -11.47
CA GLY A 46 -13.11 -13.39 -10.14
C GLY A 46 -14.29 -12.44 -10.17
N GLN A 47 -14.55 -11.79 -9.04
CA GLN A 47 -15.65 -10.83 -8.94
C GLN A 47 -15.53 -10.01 -7.66
N PHE A 48 -15.59 -8.68 -7.79
CA PHE A 48 -15.55 -7.78 -6.65
C PHE A 48 -16.80 -6.90 -6.70
N THR A 49 -17.64 -7.00 -5.68
CA THR A 49 -18.86 -6.20 -5.59
C THR A 49 -19.04 -5.69 -4.17
N HIS A 50 -19.66 -4.52 -4.05
CA HIS A 50 -20.11 -3.98 -2.77
C HIS A 50 -21.63 -4.08 -2.71
N GLU A 51 -22.14 -4.62 -1.61
CA GLU A 51 -23.56 -4.86 -1.47
C GLU A 51 -24.07 -4.21 -0.19
N PHE A 52 -25.23 -3.57 -0.29
CA PHE A 52 -25.92 -3.00 0.86
C PHE A 52 -27.36 -3.48 0.84
N ASP A 53 -27.78 -4.11 1.94
CA ASP A 53 -29.14 -4.65 2.07
C ASP A 53 -29.47 -5.63 0.94
N GLY A 54 -28.49 -6.45 0.58
CA GLY A 54 -28.71 -7.44 -0.46
C GLY A 54 -28.85 -6.88 -1.86
N ASP A 55 -28.39 -5.65 -2.10
CA ASP A 55 -28.47 -5.03 -3.41
C ASP A 55 -27.10 -4.52 -3.82
N GLU A 56 -26.76 -4.72 -5.09
CA GLU A 56 -25.42 -4.44 -5.60
C GLU A 56 -25.26 -2.94 -5.83
N GLU A 57 -24.26 -2.35 -5.18
CA GLU A 57 -23.94 -0.93 -5.36
C GLU A 57 -23.00 -0.70 -6.53
N PHE A 58 -21.90 -1.44 -6.59
CA PHE A 58 -20.98 -1.34 -7.70
C PHE A 58 -20.17 -2.62 -7.80
N TYR A 59 -19.57 -2.83 -8.96
CA TYR A 59 -18.65 -3.93 -9.17
C TYR A 59 -17.44 -3.42 -9.95
N VAL A 60 -16.31 -4.09 -9.75
CA VAL A 60 -15.07 -3.74 -10.43
C VAL A 60 -14.81 -4.75 -11.53
N ASP A 61 -14.69 -4.26 -12.77
CA ASP A 61 -14.35 -5.12 -13.89
C ASP A 61 -12.88 -5.50 -13.81
N LEU A 62 -12.60 -6.74 -13.41
CA LEU A 62 -11.22 -7.16 -13.20
C LEU A 62 -10.43 -7.26 -14.49
N GLU A 63 -11.10 -7.47 -15.63
CA GLU A 63 -10.40 -7.51 -16.91
C GLU A 63 -10.10 -6.11 -17.42
N ARG A 64 -11.12 -5.24 -17.39
CA ARG A 64 -11.01 -3.89 -17.93
C ARG A 64 -10.46 -2.89 -16.94
N LYS A 65 -10.31 -3.27 -15.66
CA LYS A 65 -9.80 -2.41 -14.61
C LYS A 65 -10.61 -1.11 -14.51
N GLU A 66 -11.86 -1.28 -14.09
CA GLU A 66 -12.78 -0.15 -14.05
C GLU A 66 -13.81 -0.38 -12.96
N THR A 67 -14.33 0.71 -12.42
CA THR A 67 -15.37 0.69 -11.40
C THR A 67 -16.70 0.99 -12.06
N VAL A 68 -17.61 0.02 -12.05
CA VAL A 68 -18.87 0.14 -12.76
C VAL A 68 -19.97 0.18 -11.71
N TRP A 69 -20.55 1.37 -11.52
CA TRP A 69 -21.51 1.57 -10.44
C TRP A 69 -22.88 1.04 -10.81
N LYS A 70 -23.64 0.63 -9.80
CA LYS A 70 -25.00 0.12 -9.97
C LYS A 70 -26.03 0.90 -9.16
N LEU A 71 -25.61 1.96 -8.47
CA LEU A 71 -26.55 2.75 -7.68
C LEU A 71 -27.56 3.41 -8.62
N PRO A 72 -28.86 3.30 -8.34
CA PRO A 72 -29.86 3.93 -9.21
C PRO A 72 -30.03 5.41 -8.92
N LEU A 73 -28.93 6.09 -8.62
CA LEU A 73 -28.94 7.50 -8.24
C LEU A 73 -27.76 8.19 -8.91
N PHE A 74 -27.70 9.51 -8.75
CA PHE A 74 -26.55 10.29 -9.19
C PHE A 74 -25.61 10.51 -8.01
N HIS A 75 -24.31 10.44 -8.27
CA HIS A 75 -23.36 10.48 -7.17
C HIS A 75 -21.96 10.70 -7.73
N ARG A 76 -21.08 11.24 -6.88
CA ARG A 76 -19.70 11.49 -7.24
C ARG A 76 -18.72 10.58 -6.49
N LEU A 77 -19.17 9.41 -6.05
CA LEU A 77 -18.26 8.51 -5.35
C LEU A 77 -17.22 7.93 -6.31
N ARG A 78 -16.13 7.47 -5.73
CA ARG A 78 -14.96 6.98 -6.48
C ARG A 78 -14.40 5.76 -5.77
N PHE A 79 -13.71 4.92 -6.52
CA PHE A 79 -13.12 3.70 -5.96
C PHE A 79 -12.03 3.20 -6.89
N ASP A 80 -10.80 3.14 -6.39
CA ASP A 80 -9.68 2.67 -7.19
C ASP A 80 -9.84 1.17 -7.44
N PRO A 81 -9.97 0.73 -8.70
CA PRO A 81 -10.07 -0.71 -8.97
C PRO A 81 -8.82 -1.50 -8.58
N GLN A 82 -7.70 -0.83 -8.32
CA GLN A 82 -6.51 -1.56 -7.89
C GLN A 82 -6.71 -2.21 -6.53
N PHE A 83 -7.60 -1.66 -5.70
CA PHE A 83 -7.97 -2.34 -4.46
C PHE A 83 -8.57 -3.71 -4.76
N ALA A 84 -9.50 -3.77 -5.71
CA ALA A 84 -10.10 -5.05 -6.09
C ALA A 84 -9.07 -5.97 -6.72
N LEU A 85 -8.23 -5.44 -7.61
CA LEU A 85 -7.21 -6.28 -8.26
C LEU A 85 -6.23 -6.85 -7.24
N THR A 86 -5.86 -6.06 -6.23
CA THR A 86 -4.95 -6.56 -5.21
C THR A 86 -5.64 -7.57 -4.30
N ASN A 87 -6.82 -7.21 -3.80
CA ASN A 87 -7.52 -8.08 -2.86
C ASN A 87 -7.86 -9.42 -3.49
N ILE A 88 -8.31 -9.42 -4.74
CA ILE A 88 -8.58 -10.67 -5.44
C ILE A 88 -7.29 -11.43 -5.70
N ALA A 89 -6.18 -10.72 -5.92
CA ALA A 89 -4.90 -11.40 -6.12
C ALA A 89 -4.42 -12.09 -4.84
N VAL A 90 -4.82 -11.58 -3.68
CA VAL A 90 -4.52 -12.28 -2.43
C VAL A 90 -5.34 -13.55 -2.32
N LEU A 91 -6.57 -13.53 -2.85
CA LEU A 91 -7.41 -14.72 -2.83
C LEU A 91 -6.86 -15.81 -3.73
N LYS A 92 -6.34 -15.44 -4.90
CA LYS A 92 -5.73 -16.43 -5.79
C LYS A 92 -4.56 -17.13 -5.11
N HIS A 93 -3.75 -16.37 -4.37
CA HIS A 93 -2.63 -16.95 -3.64
C HIS A 93 -3.13 -17.91 -2.55
N ASN A 94 -4.12 -17.46 -1.77
CA ASN A 94 -4.65 -18.32 -0.71
C ASN A 94 -5.40 -19.52 -1.26
N LEU A 95 -5.96 -19.40 -2.46
CA LEU A 95 -6.71 -20.52 -3.02
C LEU A 95 -5.79 -21.68 -3.40
N ASN A 96 -4.67 -21.37 -4.05
CA ASN A 96 -3.73 -22.42 -4.45
C ASN A 96 -3.19 -23.19 -3.25
N ILE A 97 -3.10 -22.53 -2.09
CA ILE A 97 -2.60 -23.19 -0.89
C ILE A 97 -3.67 -24.10 -0.30
N LEU A 98 -4.91 -23.60 -0.20
CA LEU A 98 -5.99 -24.41 0.35
C LEU A 98 -6.40 -25.55 -0.57
N ILE A 99 -6.10 -25.45 -1.86
CA ILE A 99 -6.31 -26.59 -2.75
C ILE A 99 -5.35 -27.72 -2.41
N LYS A 100 -4.11 -27.37 -2.06
CA LYS A 100 -3.13 -28.39 -1.71
C LYS A 100 -3.42 -28.99 -0.33
N ARG A 101 -3.89 -28.17 0.62
CA ARG A 101 -4.16 -28.64 1.96
C ARG A 101 -5.43 -29.47 2.06
N SER A 102 -6.29 -29.45 1.04
CA SER A 102 -7.55 -30.16 1.07
C SER A 102 -7.57 -31.39 0.18
N ASN A 103 -6.40 -31.85 -0.27
CA ASN A 103 -6.31 -32.97 -1.21
C ASN A 103 -7.17 -32.72 -2.45
N SER A 104 -7.22 -31.45 -2.87
CA SER A 104 -7.96 -31.02 -4.06
C SER A 104 -9.46 -31.31 -3.94
N THR A 105 -10.01 -30.94 -2.78
CA THR A 105 -11.46 -31.02 -2.59
C THR A 105 -12.12 -29.90 -3.39
N ALA A 106 -12.86 -30.28 -4.43
CA ALA A 106 -13.43 -29.31 -5.35
C ALA A 106 -14.85 -28.92 -4.92
N ALA A 107 -15.39 -27.93 -5.62
CA ALA A 107 -16.75 -27.48 -5.35
C ALA A 107 -17.76 -28.49 -5.86
N THR A 108 -18.92 -28.51 -5.20
CA THR A 108 -20.04 -29.36 -5.61
C THR A 108 -21.00 -28.55 -6.46
N ASN A 109 -21.31 -29.06 -7.65
CA ASN A 109 -22.23 -28.40 -8.56
C ASN A 109 -23.65 -28.51 -8.00
N GLU A 110 -24.18 -27.41 -7.49
CA GLU A 110 -25.53 -27.39 -6.96
C GLU A 110 -26.54 -27.25 -8.09
N VAL A 111 -27.78 -27.63 -7.80
CA VAL A 111 -28.88 -27.56 -8.76
C VAL A 111 -29.48 -26.15 -8.67
N PRO A 112 -29.44 -25.37 -9.75
CA PRO A 112 -30.02 -24.02 -9.70
C PRO A 112 -31.53 -24.05 -9.79
N GLU A 113 -32.13 -22.98 -9.29
CA GLU A 113 -33.59 -22.80 -9.31
C GLU A 113 -33.92 -21.53 -10.08
N VAL A 114 -34.76 -21.68 -11.10
CA VAL A 114 -35.06 -20.60 -12.03
C VAL A 114 -36.52 -20.21 -11.90
N THR A 115 -36.79 -18.91 -12.02
CA THR A 115 -38.16 -18.39 -11.98
C THR A 115 -38.23 -17.16 -12.88
N VAL A 116 -39.20 -17.16 -13.78
CA VAL A 116 -39.40 -16.05 -14.72
C VAL A 116 -40.69 -15.33 -14.35
N PHE A 117 -40.59 -14.02 -14.16
CA PHE A 117 -41.75 -13.19 -13.83
C PHE A 117 -41.52 -11.80 -14.42
N SER A 118 -42.51 -10.93 -14.22
CA SER A 118 -42.48 -9.58 -14.78
C SER A 118 -42.29 -8.57 -13.66
N LYS A 119 -41.57 -7.48 -13.98
CA LYS A 119 -41.31 -6.44 -13.01
C LYS A 119 -42.60 -5.74 -12.59
N SER A 120 -43.52 -5.55 -13.53
CA SER A 120 -44.80 -4.90 -13.29
C SER A 120 -45.91 -5.78 -13.84
N PRO A 121 -47.16 -5.54 -13.42
CA PRO A 121 -48.29 -6.28 -14.01
C PRO A 121 -48.35 -6.08 -15.52
N VAL A 122 -48.64 -7.17 -16.22
CA VAL A 122 -48.56 -7.21 -17.67
C VAL A 122 -49.84 -6.63 -18.27
N THR A 123 -49.72 -5.50 -18.95
CA THR A 123 -50.75 -4.99 -19.86
C THR A 123 -50.20 -5.01 -21.27
N LEU A 124 -50.99 -5.48 -22.22
CA LEU A 124 -50.51 -5.71 -23.56
C LEU A 124 -50.29 -4.39 -24.30
N GLY A 125 -49.14 -4.28 -24.97
CA GLY A 125 -48.82 -3.11 -25.76
C GLY A 125 -48.02 -2.04 -25.04
N GLN A 126 -47.81 -2.18 -23.73
CA GLN A 126 -47.11 -1.17 -22.97
C GLN A 126 -45.78 -1.72 -22.44
N PRO A 127 -44.74 -0.89 -22.37
CA PRO A 127 -43.41 -1.40 -22.03
C PRO A 127 -43.39 -2.10 -20.69
N ASN A 128 -42.67 -3.23 -20.64
CA ASN A 128 -42.50 -4.00 -19.42
C ASN A 128 -41.13 -4.64 -19.45
N THR A 129 -40.81 -5.40 -18.40
CA THR A 129 -39.50 -6.03 -18.26
C THR A 129 -39.68 -7.44 -17.71
N LEU A 130 -39.10 -8.42 -18.40
CA LEU A 130 -39.08 -9.79 -17.92
C LEU A 130 -37.87 -10.02 -17.05
N ILE A 131 -38.07 -10.77 -15.95
CA ILE A 131 -37.02 -11.05 -14.98
C ILE A 131 -36.80 -12.55 -14.91
N CYS A 132 -35.56 -12.98 -15.11
CA CYS A 132 -35.18 -14.38 -14.93
C CYS A 132 -34.28 -14.47 -13.71
N LEU A 133 -34.74 -15.16 -12.67
CA LEU A 133 -34.05 -15.27 -11.40
C LEU A 133 -33.53 -16.69 -11.24
N VAL A 134 -32.23 -16.87 -11.44
CA VAL A 134 -31.56 -18.13 -11.15
C VAL A 134 -31.08 -18.10 -9.71
N ASP A 135 -31.57 -19.01 -8.89
CA ASP A 135 -31.27 -19.08 -7.47
C ASP A 135 -30.41 -20.29 -7.17
N ASN A 136 -29.66 -20.19 -6.06
CA ASN A 136 -28.84 -21.29 -5.55
C ASN A 136 -27.81 -21.74 -6.60
N ILE A 137 -26.92 -20.80 -6.94
CA ILE A 137 -25.89 -21.03 -7.95
C ILE A 137 -24.57 -21.32 -7.26
N PHE A 138 -23.96 -22.45 -7.61
CA PHE A 138 -22.60 -22.77 -7.19
C PHE A 138 -22.11 -23.98 -7.98
N PRO A 139 -20.95 -23.88 -8.63
CA PRO A 139 -20.05 -22.70 -8.67
C PRO A 139 -20.55 -21.59 -9.59
N PRO A 140 -20.06 -20.36 -9.38
CA PRO A 140 -20.54 -19.21 -10.16
C PRO A 140 -20.13 -19.25 -11.63
N VAL A 141 -20.66 -20.21 -12.38
CA VAL A 141 -20.52 -20.26 -13.83
C VAL A 141 -21.87 -20.63 -14.40
N VAL A 142 -22.42 -19.76 -15.26
CA VAL A 142 -23.78 -19.97 -15.77
C VAL A 142 -23.92 -19.27 -17.13
N ASN A 143 -24.77 -19.85 -17.97
CA ASN A 143 -25.19 -19.24 -19.23
C ASN A 143 -26.67 -18.87 -19.11
N ILE A 144 -26.97 -17.57 -19.17
CA ILE A 144 -28.34 -17.08 -19.11
C ILE A 144 -28.64 -16.39 -20.44
N THR A 145 -29.51 -16.98 -21.23
CA THR A 145 -29.89 -16.44 -22.52
C THR A 145 -31.41 -16.47 -22.68
N TRP A 146 -31.95 -15.41 -23.28
CA TRP A 146 -33.38 -15.32 -23.56
C TRP A 146 -33.68 -15.86 -24.95
N LEU A 147 -34.80 -16.56 -25.07
CA LEU A 147 -35.23 -17.14 -26.33
C LEU A 147 -36.63 -16.64 -26.64
N SER A 148 -36.77 -15.91 -27.76
CA SER A 148 -38.06 -15.44 -28.24
C SER A 148 -38.50 -16.35 -29.38
N ASN A 149 -39.51 -17.18 -29.11
CA ASN A 149 -40.01 -18.16 -30.07
C ASN A 149 -38.90 -19.08 -30.55
N GLY A 150 -37.98 -19.41 -29.66
CA GLY A 150 -36.86 -20.27 -30.00
C GLY A 150 -35.75 -19.57 -30.75
N HIS A 151 -35.46 -18.33 -30.40
CA HIS A 151 -34.41 -17.56 -31.07
C HIS A 151 -33.65 -16.75 -30.03
N SER A 152 -32.31 -16.75 -30.16
CA SER A 152 -31.46 -16.03 -29.22
C SER A 152 -31.78 -14.54 -29.25
N VAL A 153 -31.97 -13.96 -28.07
CA VAL A 153 -32.30 -12.54 -27.92
C VAL A 153 -31.06 -11.78 -27.50
N THR A 154 -30.75 -10.71 -28.22
CA THR A 154 -29.55 -9.93 -27.98
C THR A 154 -29.80 -8.50 -27.54
N GLU A 155 -30.92 -7.90 -27.95
CA GLU A 155 -31.19 -6.49 -27.69
C GLU A 155 -32.05 -6.34 -26.44
N GLY A 156 -31.75 -5.31 -25.65
CA GLY A 156 -32.53 -4.99 -24.48
C GLY A 156 -32.32 -5.91 -23.29
N VAL A 157 -31.34 -6.80 -23.35
CA VAL A 157 -31.09 -7.77 -22.29
C VAL A 157 -29.93 -7.28 -21.44
N SER A 158 -30.05 -7.46 -20.12
CA SER A 158 -28.97 -7.14 -19.20
C SER A 158 -29.15 -7.97 -17.94
N GLU A 159 -28.04 -8.41 -17.36
CA GLU A 159 -28.04 -9.17 -16.12
C GLU A 159 -27.18 -8.48 -15.07
N THR A 160 -27.25 -8.99 -13.85
CA THR A 160 -26.51 -8.44 -12.73
C THR A 160 -25.22 -9.22 -12.53
N SER A 161 -24.52 -8.95 -11.43
CA SER A 161 -23.40 -9.76 -11.03
C SER A 161 -23.89 -10.95 -10.22
N PHE A 162 -22.98 -11.84 -9.83
CA PHE A 162 -23.31 -12.90 -8.91
C PHE A 162 -23.46 -12.29 -7.51
N LEU A 163 -24.70 -12.13 -7.06
CA LEU A 163 -24.93 -11.58 -5.73
C LEU A 163 -24.84 -12.68 -4.69
N SER A 164 -24.27 -12.34 -3.54
CA SER A 164 -23.97 -13.33 -2.53
C SER A 164 -25.20 -13.70 -1.72
N LYS A 165 -25.38 -14.99 -1.48
CA LYS A 165 -26.39 -15.50 -0.58
C LYS A 165 -25.78 -15.77 0.79
N SER A 166 -26.65 -16.04 1.77
CA SER A 166 -26.17 -16.26 3.13
C SER A 166 -25.49 -17.60 3.29
N ASP A 167 -25.91 -18.61 2.52
CA ASP A 167 -25.28 -19.93 2.55
C ASP A 167 -24.01 -19.99 1.72
N HIS A 168 -23.46 -18.83 1.35
CA HIS A 168 -22.23 -18.72 0.56
C HIS A 168 -22.39 -19.29 -0.84
N SER A 169 -23.62 -19.39 -1.33
CA SER A 169 -23.90 -19.66 -2.72
C SER A 169 -24.21 -18.32 -3.42
N PHE A 170 -24.82 -18.36 -4.59
CA PHE A 170 -25.06 -17.15 -5.35
C PHE A 170 -26.39 -17.24 -6.09
N PHE A 171 -26.89 -16.07 -6.49
CA PHE A 171 -28.04 -15.97 -7.37
C PHE A 171 -27.79 -14.84 -8.36
N LYS A 172 -28.33 -15.00 -9.56
CA LYS A 172 -28.17 -14.01 -10.62
C LYS A 172 -29.54 -13.65 -11.16
N ILE A 173 -29.63 -12.48 -11.78
CA ILE A 173 -30.89 -11.95 -12.29
C ILE A 173 -30.65 -11.33 -13.65
N SER A 174 -31.43 -11.77 -14.65
CA SER A 174 -31.37 -11.21 -15.99
C SER A 174 -32.66 -10.46 -16.29
N TYR A 175 -32.52 -9.37 -17.06
CA TYR A 175 -33.64 -8.51 -17.41
C TYR A 175 -33.78 -8.44 -18.93
N LEU A 176 -35.03 -8.47 -19.39
CA LEU A 176 -35.35 -8.31 -20.81
C LEU A 176 -36.52 -7.34 -20.92
N THR A 177 -36.23 -6.11 -21.34
CA THR A 177 -37.27 -5.14 -21.62
C THR A 177 -37.90 -5.48 -22.97
N PHE A 178 -39.23 -5.52 -23.01
CA PHE A 178 -39.93 -6.00 -24.18
C PHE A 178 -41.29 -5.32 -24.25
N LEU A 179 -42.05 -5.63 -25.30
CA LEU A 179 -43.41 -5.13 -25.49
C LEU A 179 -44.36 -6.33 -25.44
N PRO A 180 -45.02 -6.57 -24.31
CA PRO A 180 -45.86 -7.77 -24.19
C PRO A 180 -47.03 -7.74 -25.16
N SER A 181 -47.06 -8.73 -26.05
CA SER A 181 -48.16 -8.92 -26.98
C SER A 181 -48.59 -10.37 -26.95
N ALA A 182 -49.79 -10.64 -27.48
CA ALA A 182 -50.38 -11.96 -27.38
C ALA A 182 -49.77 -12.98 -28.32
N ASP A 183 -48.71 -12.63 -29.07
CA ASP A 183 -48.15 -13.52 -30.07
C ASP A 183 -46.69 -13.90 -29.83
N GLU A 184 -45.99 -13.22 -28.93
CA GLU A 184 -44.58 -13.53 -28.65
C GLU A 184 -44.49 -14.31 -27.36
N ILE A 185 -44.09 -15.58 -27.46
CA ILE A 185 -43.79 -16.40 -26.30
C ILE A 185 -42.31 -16.27 -26.00
N TYR A 186 -41.97 -16.31 -24.71
CA TYR A 186 -40.60 -16.10 -24.27
C TYR A 186 -40.11 -17.30 -23.48
N ASP A 187 -38.78 -17.46 -23.46
CA ASP A 187 -38.13 -18.58 -22.77
C ASP A 187 -36.79 -18.11 -22.26
N CYS A 188 -36.57 -18.25 -20.96
CA CYS A 188 -35.26 -18.01 -20.36
C CYS A 188 -34.52 -19.33 -20.31
N LYS A 189 -33.36 -19.39 -20.95
CA LYS A 189 -32.55 -20.61 -21.04
C LYS A 189 -31.34 -20.47 -20.13
N VAL A 190 -31.22 -21.37 -19.16
CA VAL A 190 -30.11 -21.36 -18.21
C VAL A 190 -29.32 -22.65 -18.38
N GLU A 191 -28.01 -22.56 -18.16
CA GLU A 191 -27.10 -23.68 -18.31
C GLU A 191 -26.16 -23.72 -17.12
N HIS A 192 -26.06 -24.89 -16.49
CA HIS A 192 -25.20 -25.04 -15.33
C HIS A 192 -24.73 -26.49 -15.26
N TRP A 193 -23.61 -26.69 -14.55
CA TRP A 193 -23.06 -28.03 -14.41
C TRP A 193 -23.90 -28.89 -13.48
N GLY A 194 -24.64 -28.28 -12.56
CA GLY A 194 -25.58 -29.02 -11.74
C GLY A 194 -26.79 -29.51 -12.50
N LEU A 195 -27.02 -29.01 -13.71
CA LEU A 195 -28.09 -29.48 -14.58
C LEU A 195 -27.51 -30.44 -15.60
N ASP A 196 -28.11 -31.63 -15.70
CA ASP A 196 -27.75 -32.57 -16.75
C ASP A 196 -28.42 -32.26 -18.08
N GLU A 197 -29.07 -31.10 -18.19
CA GLU A 197 -29.83 -30.72 -19.36
C GLU A 197 -30.11 -29.21 -19.30
N PRO A 198 -29.84 -28.47 -20.38
CA PRO A 198 -30.12 -27.02 -20.36
C PRO A 198 -31.57 -26.72 -20.02
N LEU A 199 -31.80 -26.14 -18.85
CA LEU A 199 -33.16 -25.90 -18.36
C LEU A 199 -33.76 -24.71 -19.07
N LEU A 200 -35.00 -24.86 -19.53
CA LEU A 200 -35.77 -23.78 -20.12
C LEU A 200 -36.94 -23.43 -19.21
N LYS A 201 -37.14 -22.13 -18.99
CA LYS A 201 -38.25 -21.63 -18.19
C LYS A 201 -39.20 -20.86 -19.08
N HIS A 202 -40.48 -21.19 -18.99
CA HIS A 202 -41.50 -20.64 -19.88
C HIS A 202 -42.20 -19.44 -19.25
N TRP A 203 -42.78 -18.62 -20.11
CA TRP A 203 -43.53 -17.44 -19.68
C TRP A 203 -44.43 -16.98 -20.81
N GLU A 204 -45.72 -16.80 -20.52
CA GLU A 204 -46.68 -16.34 -21.52
C GLU A 204 -47.47 -15.16 -20.97
N PRO A 205 -47.77 -14.16 -21.80
CA PRO A 205 -48.56 -12.98 -21.40
C PRO A 205 -49.98 -13.35 -20.98
N SER B 35 -18.67 -32.37 -16.91
CA SER B 35 -18.62 -32.00 -15.50
C SER B 35 -17.20 -31.68 -15.06
N PRO B 36 -16.72 -30.48 -15.40
CA PRO B 36 -15.36 -30.09 -15.00
C PRO B 36 -15.31 -29.60 -13.57
N GLU B 37 -14.12 -29.72 -12.99
CA GLU B 37 -13.90 -29.38 -11.59
C GLU B 37 -13.60 -27.89 -11.44
N ASP B 38 -13.91 -27.36 -10.26
CA ASP B 38 -13.72 -25.95 -9.98
C ASP B 38 -13.49 -25.76 -8.48
N PHE B 39 -12.53 -24.91 -8.14
CA PHE B 39 -12.22 -24.57 -6.75
C PHE B 39 -12.49 -23.09 -6.55
N VAL B 40 -13.22 -22.75 -5.50
CA VAL B 40 -13.66 -21.39 -5.25
C VAL B 40 -13.15 -20.94 -3.88
N TYR B 41 -12.76 -19.67 -3.80
CA TYR B 41 -12.41 -19.02 -2.54
C TYR B 41 -13.17 -17.71 -2.47
N GLN B 42 -13.84 -17.48 -1.33
CA GLN B 42 -14.61 -16.26 -1.12
C GLN B 42 -14.08 -15.50 0.09
N PHE B 43 -14.34 -14.20 0.11
CA PHE B 43 -14.03 -13.35 1.25
C PHE B 43 -15.13 -12.30 1.38
N LYS B 44 -15.83 -12.30 2.50
CA LYS B 44 -16.95 -11.39 2.74
C LYS B 44 -16.60 -10.47 3.91
N GLY B 45 -16.49 -9.18 3.64
CA GLY B 45 -16.33 -8.21 4.71
C GLY B 45 -17.66 -7.57 5.03
N MET B 46 -18.36 -8.13 6.01
CA MET B 46 -19.75 -7.77 6.28
C MET B 46 -19.86 -6.87 7.50
N CYS B 47 -20.74 -5.88 7.40
CA CYS B 47 -21.04 -4.96 8.48
C CYS B 47 -22.52 -5.09 8.86
N TYR B 48 -22.80 -5.11 10.16
CA TYR B 48 -24.16 -5.20 10.68
C TYR B 48 -24.44 -3.96 11.51
N PHE B 49 -25.41 -3.16 11.07
CA PHE B 49 -25.76 -1.91 11.73
C PHE B 49 -27.06 -2.05 12.49
N THR B 50 -27.11 -1.50 13.70
CA THR B 50 -28.31 -1.48 14.51
C THR B 50 -28.46 -0.10 15.13
N ASN B 51 -29.59 0.55 14.87
CA ASN B 51 -29.87 1.91 15.33
C ASN B 51 -28.77 2.87 14.86
N GLY B 52 -28.71 3.04 13.54
CA GLY B 52 -27.71 3.90 12.95
C GLY B 52 -26.33 3.27 13.08
N THR B 53 -25.40 4.03 13.66
CA THR B 53 -24.07 3.51 13.98
C THR B 53 -23.88 3.34 15.48
N GLU B 54 -24.98 3.10 16.20
CA GLU B 54 -24.90 2.91 17.65
C GLU B 54 -24.24 1.59 17.99
N ARG B 55 -24.76 0.50 17.44
CA ARG B 55 -24.18 -0.84 17.62
C ARG B 55 -23.80 -1.37 16.24
N VAL B 56 -22.52 -1.29 15.91
CA VAL B 56 -22.00 -1.77 14.64
C VAL B 56 -21.13 -2.99 14.89
N ARG B 57 -21.26 -4.00 14.04
CA ARG B 57 -20.55 -5.27 14.19
C ARG B 57 -19.95 -5.67 12.86
N LEU B 58 -18.63 -5.92 12.85
CA LEU B 58 -17.94 -6.38 11.67
C LEU B 58 -17.65 -7.87 11.78
N VAL B 59 -17.94 -8.61 10.70
CA VAL B 59 -17.65 -10.03 10.62
C VAL B 59 -17.05 -10.31 9.25
N SER B 60 -15.75 -10.58 9.21
CA SER B 60 -15.05 -10.92 7.98
C SER B 60 -14.95 -12.44 7.87
N ARG B 61 -15.38 -12.98 6.73
CA ARG B 61 -15.50 -14.41 6.53
C ARG B 61 -14.62 -14.85 5.37
N SER B 62 -13.72 -15.80 5.63
CA SER B 62 -12.95 -16.47 4.59
C SER B 62 -13.60 -17.81 4.29
N ILE B 63 -13.86 -18.06 3.01
CA ILE B 63 -14.71 -19.17 2.58
C ILE B 63 -13.99 -19.99 1.52
N TYR B 64 -14.03 -21.31 1.67
CA TYR B 64 -13.52 -22.24 0.67
C TYR B 64 -14.67 -23.15 0.24
N ASN B 65 -15.21 -22.91 -0.95
CA ASN B 65 -16.31 -23.68 -1.51
C ASN B 65 -17.50 -23.75 -0.55
N ARG B 66 -18.09 -22.57 -0.33
CA ARG B 66 -19.25 -22.40 0.53
C ARG B 66 -19.00 -22.74 1.99
N GLU B 67 -17.78 -23.13 2.34
CA GLU B 67 -17.45 -23.56 3.70
C GLU B 67 -16.59 -22.49 4.35
N GLU B 68 -17.18 -21.76 5.29
CA GLU B 68 -16.44 -20.75 6.05
C GLU B 68 -15.37 -21.43 6.89
N ILE B 69 -14.11 -21.04 6.68
CA ILE B 69 -12.98 -21.65 7.37
C ILE B 69 -12.42 -20.75 8.45
N VAL B 70 -12.37 -19.44 8.21
CA VAL B 70 -11.88 -18.47 9.19
C VAL B 70 -12.93 -17.37 9.31
N ARG B 71 -12.90 -16.68 10.46
CA ARG B 71 -13.82 -15.58 10.70
C ARG B 71 -13.21 -14.65 11.74
N PHE B 72 -13.19 -13.35 11.43
CA PHE B 72 -12.82 -12.32 12.40
C PHE B 72 -14.10 -11.59 12.80
N ASP B 73 -14.54 -11.81 14.02
CA ASP B 73 -15.71 -11.13 14.56
C ASP B 73 -15.25 -9.98 15.43
N SER B 74 -15.81 -8.78 15.17
CA SER B 74 -15.41 -7.61 15.95
C SER B 74 -15.84 -7.73 17.40
N ASP B 75 -16.89 -8.51 17.68
CA ASP B 75 -17.26 -8.76 19.07
C ASP B 75 -16.28 -9.70 19.75
N VAL B 76 -15.62 -10.55 18.98
CA VAL B 76 -14.63 -11.47 19.55
C VAL B 76 -13.29 -10.78 19.73
N GLY B 77 -12.89 -9.96 18.75
CA GLY B 77 -11.65 -9.23 18.83
C GLY B 77 -10.46 -9.90 18.19
N GLU B 78 -10.56 -11.16 17.80
CA GLU B 78 -9.46 -11.88 17.19
C GLU B 78 -10.00 -12.89 16.20
N PHE B 79 -9.10 -13.51 15.45
CA PHE B 79 -9.50 -14.51 14.46
C PHE B 79 -9.92 -15.80 15.13
N ARG B 80 -10.90 -16.47 14.51
CA ARG B 80 -11.40 -17.75 14.99
C ARG B 80 -11.61 -18.67 13.80
N ALA B 81 -11.09 -19.90 13.91
CA ALA B 81 -11.26 -20.88 12.85
C ALA B 81 -12.67 -21.43 12.84
N VAL B 82 -13.27 -21.50 11.67
CA VAL B 82 -14.63 -22.03 11.52
C VAL B 82 -14.64 -23.44 10.95
N THR B 83 -13.56 -23.86 10.29
CA THR B 83 -13.41 -25.22 9.81
C THR B 83 -11.99 -25.68 10.10
N LEU B 84 -11.74 -26.98 9.98
CA LEU B 84 -10.40 -27.52 10.18
C LEU B 84 -9.38 -26.88 9.24
N LEU B 85 -9.83 -26.42 8.07
CA LEU B 85 -8.91 -25.78 7.12
C LEU B 85 -8.32 -24.50 7.70
N GLY B 86 -9.16 -23.64 8.28
CA GLY B 86 -8.72 -22.40 8.85
C GLY B 86 -8.01 -22.49 10.18
N LEU B 87 -7.73 -23.71 10.65
CA LEU B 87 -7.07 -23.85 11.95
C LEU B 87 -5.64 -23.29 11.94
N PRO B 88 -4.78 -23.58 10.95
CA PRO B 88 -3.46 -22.93 10.94
C PRO B 88 -3.50 -21.50 10.47
N ALA B 89 -4.56 -21.07 9.77
CA ALA B 89 -4.63 -19.70 9.30
C ALA B 89 -5.02 -18.74 10.41
N ALA B 90 -6.01 -19.10 11.22
CA ALA B 90 -6.39 -18.25 12.34
C ALA B 90 -5.28 -18.11 13.36
N GLU B 91 -4.50 -19.18 13.55
CA GLU B 91 -3.36 -19.11 14.46
C GLU B 91 -2.24 -18.24 13.87
N TYR B 92 -1.99 -18.37 12.56
CA TYR B 92 -0.94 -17.60 11.93
C TYR B 92 -1.28 -16.12 11.86
N TRP B 93 -2.56 -15.80 11.63
CA TRP B 93 -2.97 -14.40 11.59
C TRP B 93 -2.97 -13.78 12.97
N ASN B 94 -3.40 -14.53 13.98
CA ASN B 94 -3.43 -14.01 15.35
C ASN B 94 -2.03 -13.80 15.92
N SER B 95 -1.01 -14.40 15.32
CA SER B 95 0.37 -14.17 15.77
C SER B 95 0.91 -12.83 15.30
N GLN B 96 0.21 -12.14 14.39
CA GLN B 96 0.66 -10.87 13.85
C GLN B 96 -0.09 -9.74 14.55
N LYS B 97 0.66 -8.82 15.16
CA LYS B 97 0.05 -7.77 15.96
C LYS B 97 -0.62 -6.70 15.09
N ASP B 98 -0.02 -6.37 13.94
CA ASP B 98 -0.57 -5.31 13.11
C ASP B 98 -1.86 -5.74 12.42
N ILE B 99 -1.93 -6.99 11.97
CA ILE B 99 -3.16 -7.50 11.36
C ILE B 99 -4.30 -7.44 12.36
N LEU B 100 -4.02 -7.74 13.64
CA LEU B 100 -5.04 -7.63 14.68
C LEU B 100 -5.56 -6.21 14.79
N GLU B 101 -4.66 -5.22 14.66
CA GLU B 101 -5.09 -3.83 14.77
C GLU B 101 -5.76 -3.32 13.51
N ARG B 102 -5.38 -3.84 12.35
CA ARG B 102 -6.02 -3.42 11.11
C ARG B 102 -7.45 -3.92 11.02
N LYS B 103 -7.73 -5.09 11.60
CA LYS B 103 -9.10 -5.60 11.61
C LYS B 103 -9.91 -5.04 12.76
N ARG B 104 -9.27 -4.77 13.91
CA ARG B 104 -10.00 -4.22 15.04
C ARG B 104 -10.47 -2.80 14.77
N ALA B 105 -9.75 -2.03 13.95
CA ALA B 105 -10.15 -0.70 13.57
C ALA B 105 -11.03 -0.68 12.33
N ALA B 106 -11.34 -1.84 11.77
CA ALA B 106 -12.09 -1.89 10.52
C ALA B 106 -13.56 -1.55 10.73
N VAL B 107 -14.09 -1.77 11.94
CA VAL B 107 -15.48 -1.44 12.21
C VAL B 107 -15.71 0.07 12.16
N ASP B 108 -14.65 0.87 12.19
CA ASP B 108 -14.73 2.31 11.98
C ASP B 108 -14.14 2.76 10.66
N ARG B 109 -13.03 2.15 10.24
CA ARG B 109 -12.41 2.51 8.98
C ARG B 109 -13.27 2.10 7.79
N VAL B 110 -13.97 0.98 7.90
CA VAL B 110 -14.75 0.41 6.79
C VAL B 110 -16.25 0.54 7.04
N CYS B 111 -16.73 0.04 8.18
CA CYS B 111 -18.18 -0.01 8.42
C CYS B 111 -18.76 1.38 8.62
N ARG B 112 -18.29 2.11 9.64
CA ARG B 112 -18.91 3.38 9.98
C ARG B 112 -18.65 4.45 8.93
N HIS B 113 -17.48 4.43 8.28
CA HIS B 113 -17.20 5.42 7.24
C HIS B 113 -18.15 5.25 6.06
N ASN B 114 -18.44 4.00 5.69
CA ASN B 114 -19.31 3.76 4.54
C ASN B 114 -20.77 4.04 4.87
N TYR B 115 -21.18 3.87 6.13
CA TYR B 115 -22.56 4.15 6.49
C TYR B 115 -22.88 5.62 6.38
N GLN B 116 -21.91 6.51 6.62
CA GLN B 116 -22.16 7.93 6.45
C GLN B 116 -22.34 8.30 4.98
N LEU B 117 -21.74 7.52 4.06
CA LEU B 117 -22.06 7.67 2.65
C LEU B 117 -23.43 7.07 2.33
N GLU B 118 -23.80 6.00 3.03
CA GLU B 118 -25.12 5.40 2.87
C GLU B 118 -26.22 6.38 3.23
N LEU B 119 -25.98 7.22 4.25
CA LEU B 119 -26.98 8.16 4.71
C LEU B 119 -27.30 9.24 3.68
N ARG B 120 -26.40 9.48 2.71
CA ARG B 120 -26.61 10.52 1.71
C ARG B 120 -27.01 9.97 0.35
N THR B 121 -27.28 8.66 0.26
CA THR B 121 -27.66 8.06 -1.01
C THR B 121 -28.75 7.01 -0.82
N THR B 122 -28.34 5.76 -0.62
CA THR B 122 -29.29 4.64 -0.57
C THR B 122 -30.33 4.85 0.52
N LEU B 123 -29.90 5.27 1.71
CA LEU B 123 -30.82 5.42 2.83
C LEU B 123 -31.81 6.55 2.63
N GLN B 124 -31.63 7.39 1.61
CA GLN B 124 -32.58 8.43 1.27
C GLN B 124 -33.39 8.09 0.01
N ARG B 125 -33.29 6.87 -0.48
CA ARG B 125 -33.97 6.44 -1.70
C ARG B 125 -35.37 5.96 -1.34
N ARG B 126 -36.38 6.64 -1.87
CA ARG B 126 -37.78 6.30 -1.64
C ARG B 126 -38.51 6.31 -2.98
N VAL B 127 -38.81 5.13 -3.51
CA VAL B 127 -39.65 4.99 -4.69
C VAL B 127 -41.01 4.45 -4.26
N GLU B 128 -42.07 4.92 -4.92
CA GLU B 128 -43.41 4.64 -4.42
C GLU B 128 -43.98 3.38 -5.06
N PRO B 129 -44.73 2.60 -4.29
CA PRO B 129 -45.31 1.37 -4.83
C PRO B 129 -46.40 1.64 -5.84
N THR B 130 -46.55 0.70 -6.78
CA THR B 130 -47.60 0.74 -7.79
C THR B 130 -48.54 -0.43 -7.52
N VAL B 131 -49.68 -0.13 -6.91
CA VAL B 131 -50.63 -1.16 -6.50
C VAL B 131 -51.65 -1.38 -7.61
N THR B 132 -52.04 -2.64 -7.79
CA THR B 132 -52.94 -3.02 -8.87
C THR B 132 -53.78 -4.20 -8.41
N ILE B 133 -55.07 -4.16 -8.71
CA ILE B 133 -56.00 -5.23 -8.39
C ILE B 133 -56.42 -5.91 -9.69
N SER B 134 -56.43 -7.24 -9.69
CA SER B 134 -56.81 -8.00 -10.86
C SER B 134 -57.49 -9.29 -10.41
N PRO B 135 -58.70 -9.56 -10.90
CA PRO B 135 -59.39 -10.81 -10.52
C PRO B 135 -58.86 -12.01 -11.28
N SER B 136 -59.14 -13.18 -10.73
CA SER B 136 -58.71 -14.44 -11.33
C SER B 136 -59.89 -15.39 -11.52
N LEU B 146 -61.08 -15.12 -6.99
CA LEU B 146 -59.79 -14.84 -6.36
C LEU B 146 -59.23 -13.50 -6.82
N LEU B 147 -58.96 -12.62 -5.87
CA LEU B 147 -58.52 -11.26 -6.13
C LEU B 147 -57.06 -11.12 -5.70
N VAL B 148 -56.20 -10.67 -6.62
CA VAL B 148 -54.78 -10.48 -6.34
C VAL B 148 -54.48 -8.99 -6.31
N CYS B 149 -53.62 -8.58 -5.38
CA CYS B 149 -53.18 -7.19 -5.27
C CYS B 149 -51.69 -7.14 -5.55
N SER B 150 -51.31 -6.45 -6.62
CA SER B 150 -49.92 -6.45 -7.10
C SER B 150 -49.27 -5.13 -6.69
N VAL B 151 -48.50 -5.17 -5.60
CA VAL B 151 -47.72 -4.03 -5.14
C VAL B 151 -46.32 -4.19 -5.70
N THR B 152 -45.93 -3.32 -6.63
CA THR B 152 -44.71 -3.51 -7.40
C THR B 152 -43.84 -2.27 -7.38
N ASP B 153 -42.53 -2.49 -7.49
CA ASP B 153 -41.53 -1.44 -7.70
C ASP B 153 -41.59 -0.39 -6.59
N PHE B 154 -41.21 -0.83 -5.39
CA PHE B 154 -41.13 0.05 -4.24
C PHE B 154 -39.83 -0.20 -3.50
N TYR B 155 -39.42 0.80 -2.72
CA TYR B 155 -38.19 0.75 -1.95
C TYR B 155 -38.24 1.85 -0.89
N PRO B 156 -37.85 1.54 0.35
CA PRO B 156 -37.27 0.29 0.87
C PRO B 156 -38.24 -0.89 0.97
N ALA B 157 -37.77 -1.94 1.64
CA ALA B 157 -38.53 -3.19 1.70
C ALA B 157 -39.72 -3.10 2.63
N GLN B 158 -39.66 -2.22 3.63
CA GLN B 158 -40.71 -2.11 4.63
C GLN B 158 -42.03 -1.72 3.98
N ILE B 159 -43.07 -2.53 4.18
CA ILE B 159 -44.36 -2.29 3.56
C ILE B 159 -45.42 -3.05 4.36
N LYS B 160 -46.66 -2.59 4.28
CA LYS B 160 -47.77 -3.22 4.99
C LYS B 160 -49.03 -3.05 4.14
N VAL B 161 -49.56 -4.16 3.64
CA VAL B 161 -50.77 -4.15 2.82
C VAL B 161 -51.86 -4.90 3.57
N ARG B 162 -53.11 -4.52 3.29
CA ARG B 162 -54.26 -5.14 3.94
C ARG B 162 -55.41 -5.22 2.95
N TRP B 163 -56.25 -6.23 3.14
CA TRP B 163 -57.45 -6.42 2.33
C TRP B 163 -58.67 -6.00 3.12
N PHE B 164 -59.55 -5.22 2.50
CA PHE B 164 -60.77 -4.74 3.13
C PHE B 164 -61.95 -5.09 2.23
N ARG B 165 -63.01 -5.63 2.84
CA ARG B 165 -64.25 -5.94 2.14
C ARG B 165 -65.35 -5.08 2.73
N ASN B 166 -65.85 -4.12 1.94
CA ASN B 166 -66.90 -3.19 2.38
C ASN B 166 -66.47 -2.44 3.64
N GLY B 167 -65.21 -2.00 3.67
CA GLY B 167 -64.68 -1.27 4.79
C GLY B 167 -64.11 -2.12 5.91
N GLN B 168 -64.53 -3.38 6.02
CA GLN B 168 -64.05 -4.27 7.07
C GLN B 168 -62.84 -5.06 6.58
N GLU B 169 -61.83 -5.16 7.43
CA GLU B 169 -60.58 -5.82 7.07
C GLU B 169 -60.79 -7.32 6.99
N GLU B 170 -60.49 -7.90 5.83
CA GLU B 170 -60.64 -9.33 5.62
C GLU B 170 -59.34 -10.03 5.97
N THR B 171 -59.43 -11.04 6.85
CA THR B 171 -58.25 -11.71 7.40
C THR B 171 -58.10 -13.13 6.86
N ALA B 172 -59.06 -14.01 7.14
CA ALA B 172 -59.00 -15.36 6.61
C ALA B 172 -59.23 -15.35 5.10
N GLY B 173 -58.63 -16.30 4.40
CA GLY B 173 -58.67 -16.30 2.97
C GLY B 173 -57.72 -15.32 2.31
N VAL B 174 -56.71 -14.86 3.04
CA VAL B 174 -55.70 -13.95 2.51
C VAL B 174 -54.37 -14.68 2.48
N VAL B 175 -53.80 -14.81 1.28
CA VAL B 175 -52.48 -15.39 1.09
C VAL B 175 -51.53 -14.28 0.68
N SER B 176 -50.38 -14.23 1.34
CA SER B 176 -49.35 -13.25 1.04
C SER B 176 -48.11 -13.96 0.51
N THR B 177 -47.51 -13.40 -0.51
CA THR B 177 -46.26 -14.03 -0.89
C THR B 177 -45.10 -13.36 -0.16
N PRO B 178 -43.99 -14.05 0.07
CA PRO B 178 -42.83 -13.37 0.64
C PRO B 178 -42.32 -12.30 -0.31
N LEU B 179 -41.57 -11.37 0.26
CA LEU B 179 -41.12 -10.22 -0.51
C LEU B 179 -40.21 -10.67 -1.64
N ILE B 180 -40.36 -10.03 -2.80
CA ILE B 180 -39.64 -10.40 -4.01
C ILE B 180 -38.60 -9.34 -4.31
N ARG B 181 -37.34 -9.75 -4.46
CA ARG B 181 -36.26 -8.85 -4.82
C ARG B 181 -36.15 -8.79 -6.35
N ASN B 182 -36.47 -7.63 -6.92
CA ASN B 182 -36.32 -7.46 -8.36
C ASN B 182 -34.85 -7.36 -8.76
N GLY B 183 -33.95 -7.10 -7.81
CA GLY B 183 -32.54 -7.02 -8.08
C GLY B 183 -32.03 -5.66 -8.52
N ASP B 184 -32.92 -4.77 -8.93
CA ASP B 184 -32.56 -3.42 -9.35
C ASP B 184 -32.99 -2.38 -8.32
N TRP B 185 -32.77 -2.68 -7.03
CA TRP B 185 -33.12 -1.80 -5.92
C TRP B 185 -34.62 -1.54 -5.85
N THR B 186 -35.44 -2.53 -6.24
CA THR B 186 -36.89 -2.44 -6.12
C THR B 186 -37.42 -3.78 -5.62
N PHE B 187 -38.57 -3.71 -4.96
CA PHE B 187 -39.25 -4.90 -4.46
C PHE B 187 -40.68 -4.95 -5.01
N GLN B 188 -41.27 -6.14 -4.93
CA GLN B 188 -42.67 -6.32 -5.25
C GLN B 188 -43.23 -7.45 -4.40
N ILE B 189 -44.52 -7.36 -4.09
CA ILE B 189 -45.19 -8.36 -3.27
C ILE B 189 -46.59 -8.58 -3.81
N LEU B 190 -47.05 -9.83 -3.78
CA LEU B 190 -48.38 -10.22 -4.22
C LEU B 190 -49.17 -10.71 -3.02
N VAL B 191 -50.32 -10.11 -2.79
CA VAL B 191 -51.22 -10.50 -1.72
C VAL B 191 -52.61 -10.71 -2.31
N MET B 192 -53.19 -11.87 -2.03
CA MET B 192 -54.41 -12.32 -2.70
C MET B 192 -55.50 -12.59 -1.67
N LEU B 193 -56.74 -12.39 -2.10
CA LEU B 193 -57.91 -12.57 -1.24
C LEU B 193 -58.88 -13.53 -1.92
N GLU B 194 -59.05 -14.72 -1.35
CA GLU B 194 -60.12 -15.61 -1.80
C GLU B 194 -61.45 -14.98 -1.42
N MET B 195 -62.40 -14.99 -2.36
CA MET B 195 -63.56 -14.12 -2.23
C MET B 195 -64.80 -14.80 -2.79
N THR B 196 -65.95 -14.28 -2.38
CA THR B 196 -67.24 -14.61 -2.98
C THR B 196 -67.91 -13.29 -3.32
N PRO B 197 -67.85 -12.85 -4.58
CA PRO B 197 -68.36 -11.52 -4.95
C PRO B 197 -69.86 -11.54 -5.16
N GLN B 198 -70.60 -10.93 -4.26
CA GLN B 198 -72.05 -10.85 -4.32
C GLN B 198 -72.50 -9.40 -4.29
N ARG B 199 -73.52 -9.09 -5.10
CA ARG B 199 -74.11 -7.74 -5.19
C ARG B 199 -73.01 -6.77 -5.62
N GLY B 200 -72.80 -5.66 -4.94
CA GLY B 200 -71.75 -4.73 -5.29
C GLY B 200 -70.75 -4.52 -4.17
N ASP B 201 -70.24 -5.62 -3.61
CA ASP B 201 -69.26 -5.53 -2.53
C ASP B 201 -68.00 -4.83 -3.02
N VAL B 202 -67.60 -3.80 -2.30
CA VAL B 202 -66.39 -3.06 -2.64
C VAL B 202 -65.20 -3.64 -1.88
N TYR B 203 -64.14 -3.96 -2.62
CA TYR B 203 -62.92 -4.52 -2.06
C TYR B 203 -61.80 -3.50 -2.22
N THR B 204 -60.99 -3.35 -1.18
CA THR B 204 -59.97 -2.30 -1.13
C THR B 204 -58.65 -2.89 -0.69
N CYS B 205 -57.63 -2.74 -1.55
CA CYS B 205 -56.26 -3.04 -1.17
C CYS B 205 -55.64 -1.79 -0.57
N HIS B 206 -55.23 -1.86 0.68
CA HIS B 206 -54.77 -0.71 1.45
C HIS B 206 -53.32 -0.95 1.84
N VAL B 207 -52.41 -0.15 1.28
CA VAL B 207 -50.98 -0.33 1.51
C VAL B 207 -50.42 0.89 2.20
N GLU B 208 -49.35 0.67 2.97
CA GLU B 208 -48.60 1.73 3.62
C GLU B 208 -47.12 1.50 3.38
N HIS B 209 -46.39 2.57 3.10
CA HIS B 209 -44.97 2.49 2.75
C HIS B 209 -44.28 3.74 3.23
N PRO B 210 -43.02 3.65 3.65
CA PRO B 210 -42.31 4.85 4.14
C PRO B 210 -42.30 6.01 3.16
N SER B 211 -42.34 5.73 1.86
CA SER B 211 -42.39 6.79 0.86
C SER B 211 -43.72 7.53 0.84
N LEU B 212 -44.74 7.02 1.53
CA LEU B 212 -46.07 7.60 1.50
C LEU B 212 -46.35 8.33 2.81
N GLN B 213 -46.86 9.56 2.70
CA GLN B 213 -47.32 10.28 3.88
C GLN B 213 -48.75 9.90 4.24
N SER B 214 -49.57 9.59 3.25
CA SER B 214 -50.88 8.99 3.42
C SER B 214 -50.92 7.67 2.66
N PRO B 215 -51.62 6.66 3.19
CA PRO B 215 -51.62 5.35 2.54
C PRO B 215 -52.37 5.36 1.22
N ILE B 216 -52.02 4.41 0.36
CA ILE B 216 -52.67 4.26 -0.94
C ILE B 216 -53.77 3.21 -0.81
N THR B 217 -54.95 3.53 -1.33
CA THR B 217 -56.08 2.61 -1.36
C THR B 217 -56.66 2.58 -2.76
N VAL B 218 -56.69 1.39 -3.37
CA VAL B 218 -57.36 1.17 -4.65
C VAL B 218 -58.54 0.24 -4.41
N GLU B 219 -59.64 0.50 -5.09
CA GLU B 219 -60.89 -0.22 -4.87
C GLU B 219 -61.26 -1.04 -6.10
N TRP B 220 -62.15 -2.01 -5.88
CA TRP B 220 -62.60 -2.91 -6.93
C TRP B 220 -64.08 -3.20 -6.68
N ARG B 221 -64.94 -2.63 -7.51
CA ARG B 221 -66.39 -2.79 -7.34
C ARG B 221 -66.91 -4.00 -8.13
N ALA C 1 -14.89 8.48 -1.21
CA ALA C 1 -14.41 7.13 -1.50
C ALA C 1 -14.86 6.15 -0.42
N PRO C 2 -15.63 5.13 -0.82
CA PRO C 2 -15.95 4.06 0.12
C PRO C 2 -14.72 3.23 0.44
N PHE C 3 -14.75 2.60 1.61
CA PHE C 3 -13.67 1.74 2.06
C PHE C 3 -14.13 0.29 2.03
N SER C 4 -13.17 -0.61 1.87
CA SER C 4 -13.45 -2.04 1.79
C SER C 4 -12.48 -2.81 2.66
N GLU C 5 -12.92 -3.98 3.12
CA GLU C 5 -12.12 -4.80 4.01
C GLU C 5 -11.05 -5.56 3.20
N GLN C 6 -9.93 -5.84 3.86
CA GLN C 6 -8.80 -6.47 3.21
C GLN C 6 -8.60 -7.91 3.67
N GLU C 7 -8.03 -8.71 2.79
CA GLU C 7 -7.62 -10.08 3.08
C GLU C 7 -6.11 -10.14 3.21
N GLN C 8 -5.63 -11.06 4.04
CA GLN C 8 -4.21 -11.26 4.28
C GLN C 8 -3.80 -12.66 3.82
N PRO C 9 -2.55 -12.84 3.40
CA PRO C 9 -2.13 -14.16 2.90
C PRO C 9 -2.02 -15.18 4.00
N VAL C 10 -2.11 -16.45 3.61
CA VAL C 10 -1.89 -17.57 4.51
C VAL C 10 -0.49 -18.11 4.26
N LEU C 11 0.00 -18.89 5.22
CA LEU C 11 1.39 -19.38 5.17
C LEU C 11 1.57 -20.34 4.00
N GLY C 12 2.52 -20.01 3.11
CA GLY C 12 2.81 -20.83 1.95
C GLY C 12 3.51 -22.13 2.29
N LYS D 2 -5.45 15.30 -5.87
CA LYS D 2 -4.92 13.95 -5.70
C LYS D 2 -4.40 13.75 -4.28
N GLN D 3 -3.27 13.06 -4.16
CA GLN D 3 -2.64 12.78 -2.88
C GLN D 3 -1.17 13.15 -2.96
N GLU D 4 -0.74 14.06 -2.09
CA GLU D 4 0.67 14.45 -1.99
C GLU D 4 1.00 14.70 -0.53
N VAL D 5 1.89 13.90 0.02
CA VAL D 5 2.36 14.05 1.40
C VAL D 5 3.54 14.99 1.43
N THR D 6 3.56 15.89 2.41
CA THR D 6 4.60 16.90 2.56
C THR D 6 5.07 16.94 4.00
N GLN D 7 6.38 17.05 4.20
CA GLN D 7 6.98 17.14 5.52
C GLN D 7 7.67 18.49 5.68
N ILE D 8 7.37 19.18 6.76
CA ILE D 8 7.68 20.60 6.86
C ILE D 8 9.12 20.83 7.29
N PRO D 9 9.60 20.28 8.44
CA PRO D 9 11.03 20.49 8.76
C PRO D 9 11.90 19.68 7.81
N ALA D 10 12.33 20.28 6.70
CA ALA D 10 13.14 19.54 5.74
C ALA D 10 14.51 19.17 6.31
N ALA D 11 15.04 19.99 7.21
CA ALA D 11 16.29 19.72 7.89
C ALA D 11 16.20 20.21 9.33
N LEU D 12 16.73 19.42 10.26
CA LEU D 12 16.62 19.74 11.68
C LEU D 12 17.92 19.34 12.37
N SER D 13 18.66 20.32 12.87
CA SER D 13 19.90 20.10 13.61
C SER D 13 19.72 20.68 15.01
N VAL D 14 19.84 19.83 16.03
CA VAL D 14 19.42 20.22 17.37
C VAL D 14 20.31 19.54 18.41
N PRO D 15 20.58 20.17 19.56
CA PRO D 15 21.39 19.52 20.60
C PRO D 15 20.73 18.31 21.23
N GLU D 16 21.43 17.68 22.17
CA GLU D 16 20.93 16.49 22.85
C GLU D 16 19.80 16.85 23.80
N GLY D 17 19.02 15.83 24.16
CA GLY D 17 18.01 15.95 25.19
C GLY D 17 16.85 16.88 24.86
N GLU D 18 16.81 17.31 23.60
CA GLU D 18 15.79 18.27 23.18
C GLU D 18 14.50 17.55 22.80
N ASN D 19 13.38 18.20 23.09
CA ASN D 19 12.08 17.79 22.58
C ASN D 19 11.82 18.56 21.28
N LEU D 20 11.65 17.83 20.18
CA LEU D 20 11.44 18.46 18.88
C LEU D 20 10.18 17.90 18.22
N VAL D 21 9.79 18.53 17.11
CA VAL D 21 8.48 18.34 16.49
C VAL D 21 8.66 18.23 14.99
N LEU D 22 8.21 17.12 14.41
CA LEU D 22 8.17 16.91 12.97
C LEU D 22 6.73 16.59 12.58
N ASN D 23 6.22 17.28 11.56
CA ASN D 23 4.84 17.10 11.16
C ASN D 23 4.76 16.69 9.69
N CYS D 24 3.68 15.97 9.37
CA CYS D 24 3.37 15.51 8.02
C CYS D 24 2.17 16.28 7.49
N SER D 25 2.00 16.26 6.17
CA SER D 25 0.93 17.03 5.55
C SER D 25 0.48 16.32 4.29
N PHE D 26 -0.72 15.76 4.30
CA PHE D 26 -1.29 15.04 3.17
C PHE D 26 -2.58 15.72 2.71
N THR D 27 -2.74 15.85 1.39
CA THR D 27 -3.84 16.60 0.80
C THR D 27 -5.18 15.91 1.05
N ASP D 28 -5.40 14.77 0.39
CA ASP D 28 -6.66 14.05 0.48
C ASP D 28 -6.63 13.13 1.70
N SER D 29 -7.77 13.05 2.39
CA SER D 29 -7.88 12.38 3.67
C SER D 29 -8.44 10.97 3.59
N ALA D 30 -8.80 10.49 2.40
CA ALA D 30 -9.32 9.13 2.24
C ALA D 30 -8.14 8.17 2.30
N ILE D 31 -7.69 7.88 3.52
CA ILE D 31 -6.49 7.09 3.74
C ILE D 31 -6.83 5.88 4.61
N TYR D 32 -6.09 4.80 4.40
CA TYR D 32 -6.22 3.60 5.21
C TYR D 32 -5.23 3.54 6.36
N ASN D 33 -4.14 4.31 6.28
CA ASN D 33 -3.06 4.17 7.24
C ASN D 33 -2.19 5.41 7.24
N LEU D 34 -1.57 5.68 8.38
CA LEU D 34 -0.52 6.69 8.50
C LEU D 34 0.65 6.02 9.21
N GLN D 35 1.82 6.04 8.58
CA GLN D 35 2.99 5.33 9.11
C GLN D 35 4.19 6.26 9.13
N TRP D 36 5.00 6.11 10.18
CA TRP D 36 6.26 6.83 10.33
C TRP D 36 7.42 5.85 10.25
N PHE D 37 8.46 6.23 9.50
CA PHE D 37 9.67 5.43 9.37
C PHE D 37 10.89 6.29 9.71
N ARG D 38 12.04 5.63 9.80
CA ARG D 38 13.32 6.30 9.87
C ARG D 38 14.28 5.60 8.92
N GLN D 39 14.99 6.38 8.10
CA GLN D 39 15.90 5.83 7.10
C GLN D 39 17.33 6.13 7.49
N ASP D 40 18.16 5.08 7.54
CA ASP D 40 19.56 5.22 7.84
C ASP D 40 20.39 4.76 6.64
N PRO D 41 21.53 5.43 6.38
CA PRO D 41 22.22 5.26 5.09
C PRO D 41 22.39 3.83 4.59
N GLY D 42 23.05 2.97 5.36
CA GLY D 42 23.34 1.65 4.87
C GLY D 42 22.29 0.60 5.13
N LYS D 43 21.19 0.93 5.80
CA LYS D 43 20.24 -0.07 6.24
C LYS D 43 18.80 0.16 5.79
N GLY D 44 18.50 1.29 5.15
CA GLY D 44 17.13 1.48 4.71
C GLY D 44 16.20 1.90 5.83
N LEU D 45 14.90 1.70 5.59
CA LEU D 45 13.86 2.17 6.49
C LEU D 45 13.54 1.13 7.55
N THR D 46 13.25 1.61 8.76
CA THR D 46 12.71 0.77 9.83
C THR D 46 11.45 1.44 10.38
N SER D 47 10.41 0.64 10.59
CA SER D 47 9.13 1.19 11.03
C SER D 47 9.23 1.78 12.43
N LEU D 48 8.54 2.90 12.64
CA LEU D 48 8.48 3.56 13.93
C LEU D 48 7.07 3.52 14.53
N LEU D 49 6.06 3.84 13.73
CA LEU D 49 4.69 3.89 14.22
C LEU D 49 3.75 3.47 13.10
N LEU D 50 2.50 3.19 13.47
CA LEU D 50 1.46 2.82 12.51
C LEU D 50 0.13 3.21 13.15
N ILE D 51 -0.44 4.32 12.68
CA ILE D 51 -1.70 4.83 13.18
C ILE D 51 -2.82 4.38 12.26
N GLN D 52 -3.89 3.84 12.85
CA GLN D 52 -5.06 3.46 12.09
C GLN D 52 -5.87 4.70 11.73
N SER D 53 -6.80 4.53 10.78
CA SER D 53 -7.62 5.65 10.35
C SER D 53 -8.45 6.21 11.49
N SER D 54 -8.95 5.34 12.37
CA SER D 54 -9.88 5.71 13.42
C SER D 54 -9.18 6.21 14.69
N GLN D 55 -7.87 6.46 14.64
CA GLN D 55 -7.12 6.85 15.82
C GLN D 55 -6.58 8.27 15.67
N ARG D 56 -6.47 8.96 16.79
CA ARG D 56 -5.86 10.28 16.85
C ARG D 56 -4.49 10.27 17.52
N GLU D 57 -4.21 9.26 18.34
CA GLU D 57 -3.00 9.20 19.16
C GLU D 57 -2.31 7.87 18.95
N GLN D 58 -0.98 7.86 19.14
CA GLN D 58 -0.20 6.64 19.05
C GLN D 58 1.09 6.88 19.82
N THR D 59 1.16 6.35 21.04
CA THR D 59 2.26 6.60 21.96
C THR D 59 3.10 5.33 22.10
N SER D 60 4.41 5.48 21.96
CA SER D 60 5.30 4.33 22.05
C SER D 60 6.71 4.82 22.37
N GLY D 61 7.16 4.55 23.59
CA GLY D 61 8.51 4.93 23.98
C GLY D 61 8.62 6.43 24.12
N ARG D 62 9.62 7.01 23.46
CA ARG D 62 9.83 8.45 23.42
C ARG D 62 9.15 9.11 22.23
N LEU D 63 8.49 8.32 21.39
CA LEU D 63 7.85 8.80 20.17
C LEU D 63 6.36 9.01 20.42
N ASN D 64 5.84 10.14 19.92
CA ASN D 64 4.43 10.49 20.10
C ASN D 64 3.92 11.13 18.82
N ALA D 65 2.96 10.48 18.18
CA ALA D 65 2.42 10.94 16.90
C ALA D 65 0.96 11.29 17.04
N SER D 66 0.55 12.36 16.35
CA SER D 66 -0.83 12.79 16.30
C SER D 66 -1.41 12.52 14.92
N LEU D 67 -2.74 12.50 14.84
CA LEU D 67 -3.41 12.19 13.57
C LEU D 67 -4.69 13.00 13.49
N ASP D 68 -4.68 14.05 12.67
CA ASP D 68 -5.88 14.76 12.27
C ASP D 68 -6.09 14.49 10.79
N LYS D 69 -6.95 13.54 10.46
CA LYS D 69 -7.13 13.20 9.07
C LYS D 69 -8.06 14.17 8.34
N SER D 70 -8.98 14.84 9.05
CA SER D 70 -9.79 15.86 8.41
C SER D 70 -8.99 17.10 8.03
N SER D 71 -7.82 17.31 8.65
CA SER D 71 -6.96 18.46 8.35
C SER D 71 -5.68 18.06 7.64
N GLY D 72 -5.55 16.79 7.26
CA GLY D 72 -4.39 16.34 6.50
C GLY D 72 -3.06 16.61 7.18
N ARG D 73 -2.97 16.38 8.48
CA ARG D 73 -1.75 16.64 9.22
C ARG D 73 -1.52 15.56 10.26
N SER D 74 -0.28 15.09 10.34
CA SER D 74 0.18 14.22 11.40
C SER D 74 1.48 14.80 11.95
N THR D 75 1.64 14.77 13.28
CA THR D 75 2.77 15.40 13.94
C THR D 75 3.49 14.38 14.80
N LEU D 76 4.82 14.34 14.70
CA LEU D 76 5.65 13.46 15.50
C LEU D 76 6.39 14.29 16.54
N TYR D 77 6.28 13.89 17.81
CA TYR D 77 6.93 14.57 18.92
C TYR D 77 7.94 13.59 19.53
N ILE D 78 9.23 13.91 19.43
CA ILE D 78 10.29 13.07 19.97
C ILE D 78 10.82 13.72 21.24
N ALA D 79 10.81 12.98 22.34
CA ALA D 79 11.24 13.48 23.63
C ALA D 79 12.64 12.97 23.96
N ALA D 80 13.43 13.83 24.62
CA ALA D 80 14.77 13.50 25.08
C ALA D 80 15.63 12.94 23.95
N SER D 81 15.77 13.76 22.91
CA SER D 81 16.45 13.31 21.71
C SER D 81 17.91 12.97 22.00
N GLN D 82 18.33 11.80 21.53
CA GLN D 82 19.68 11.30 21.62
C GLN D 82 20.38 11.45 20.28
N PRO D 83 21.71 11.45 20.27
CA PRO D 83 22.41 11.36 18.97
C PRO D 83 22.15 10.05 18.25
N GLY D 84 21.61 9.04 18.94
CA GLY D 84 21.41 7.74 18.32
C GLY D 84 20.24 7.70 17.38
N ASP D 85 19.22 8.54 17.59
CA ASP D 85 18.08 8.60 16.70
C ASP D 85 18.20 9.73 15.69
N SER D 86 19.42 9.97 15.21
CA SER D 86 19.66 10.92 14.13
C SER D 86 19.52 10.18 12.80
N ALA D 87 18.42 10.44 12.11
CA ALA D 87 18.17 9.82 10.81
C ALA D 87 17.21 10.70 10.04
N THR D 88 16.92 10.31 8.80
CA THR D 88 15.87 10.97 8.02
C THR D 88 14.55 10.27 8.32
N TYR D 89 13.58 11.01 8.83
CA TYR D 89 12.30 10.47 9.26
C TYR D 89 11.28 10.66 8.14
N LEU D 90 10.84 9.56 7.54
CA LEU D 90 9.88 9.57 6.45
C LEU D 90 8.48 9.35 6.98
N CYS D 91 7.53 10.13 6.46
CA CYS D 91 6.12 9.95 6.75
C CYS D 91 5.45 9.33 5.53
N ALA D 92 4.76 8.22 5.73
CA ALA D 92 4.08 7.51 4.66
C ALA D 92 2.60 7.42 4.97
N VAL D 93 1.77 7.71 3.98
CA VAL D 93 0.33 7.51 4.07
C VAL D 93 -0.04 6.39 3.11
N HIS D 94 -1.12 5.68 3.41
CA HIS D 94 -1.55 4.56 2.61
C HIS D 94 -2.92 4.86 2.00
N THR D 95 -3.01 4.73 0.67
CA THR D 95 -4.23 4.98 -0.06
C THR D 95 -5.01 3.72 -0.37
N GLY D 96 -4.79 2.66 0.41
CA GLY D 96 -5.48 1.41 0.19
C GLY D 96 -4.83 0.52 -0.86
N ALA D 97 -4.27 1.15 -1.89
CA ALA D 97 -3.62 0.43 -2.98
C ALA D 97 -2.11 0.46 -2.90
N ARG D 98 -1.51 1.62 -2.58
CA ARG D 98 -0.07 1.75 -2.50
C ARG D 98 0.30 2.61 -1.29
N LEU D 99 1.59 2.73 -1.05
CA LEU D 99 2.13 3.55 0.03
C LEU D 99 2.66 4.85 -0.55
N MET D 100 2.17 5.98 -0.03
CA MET D 100 2.49 7.31 -0.55
C MET D 100 3.46 7.97 0.42
N PHE D 101 4.71 8.10 0.00
CA PHE D 101 5.80 8.52 0.89
C PHE D 101 6.07 10.02 0.75
N GLY D 102 6.39 10.65 1.86
CA GLY D 102 6.78 12.04 1.87
C GLY D 102 8.20 12.24 1.38
N ASP D 103 8.68 13.47 1.54
CA ASP D 103 10.03 13.81 1.07
C ASP D 103 11.09 13.66 2.15
N GLY D 104 10.70 13.67 3.43
CA GLY D 104 11.61 13.32 4.50
C GLY D 104 12.02 14.52 5.33
N THR D 105 12.57 14.21 6.51
CA THR D 105 13.12 15.20 7.42
C THR D 105 14.48 14.73 7.90
N GLN D 106 15.53 15.47 7.55
CA GLN D 106 16.88 15.15 8.00
C GLN D 106 17.03 15.62 9.45
N LEU D 107 17.22 14.68 10.36
CA LEU D 107 17.44 15.00 11.76
C LEU D 107 18.88 14.66 12.13
N VAL D 108 19.55 15.61 12.79
CA VAL D 108 20.91 15.41 13.29
C VAL D 108 20.92 15.95 14.71
N VAL D 109 21.02 15.05 15.68
CA VAL D 109 21.10 15.41 17.10
C VAL D 109 22.58 15.44 17.48
N LYS D 110 23.09 16.62 17.79
CA LYS D 110 24.53 16.89 17.94
C LYS D 110 24.98 16.57 19.36
N PRO D 111 26.07 15.83 19.53
CA PRO D 111 26.59 15.58 20.88
C PRO D 111 27.10 16.85 21.53
N ASN D 112 27.07 16.86 22.86
CA ASN D 112 27.45 18.03 23.64
C ASN D 112 28.94 17.99 23.94
N ILE D 113 29.62 19.11 23.68
CA ILE D 113 31.05 19.25 23.91
C ILE D 113 31.24 20.04 25.20
N GLN D 114 31.76 19.38 26.24
CA GLN D 114 31.85 19.99 27.56
C GLN D 114 32.98 21.01 27.63
N ASN D 115 34.11 20.73 26.98
CA ASN D 115 35.29 21.61 27.03
C ASN D 115 35.84 21.79 25.63
N PRO D 116 35.28 22.72 24.86
CA PRO D 116 35.81 22.98 23.51
C PRO D 116 37.11 23.75 23.58
N ASP D 117 37.85 23.69 22.47
CA ASP D 117 39.12 24.40 22.34
C ASP D 117 39.37 24.71 20.87
N PRO D 118 38.62 25.65 20.31
CA PRO D 118 38.68 25.88 18.85
C PRO D 118 40.04 26.43 18.43
N ALA D 119 40.64 25.76 17.45
CA ALA D 119 41.93 26.19 16.91
C ALA D 119 42.04 25.67 15.48
N VAL D 120 42.97 26.26 14.73
CA VAL D 120 43.21 25.89 13.34
C VAL D 120 44.65 25.39 13.22
N TYR D 121 44.80 24.18 12.70
CA TYR D 121 46.11 23.55 12.52
C TYR D 121 46.35 23.28 11.04
N GLN D 122 47.63 23.21 10.67
CA GLN D 122 48.04 22.95 9.29
C GLN D 122 48.82 21.65 9.24
N LEU D 123 48.42 20.75 8.35
CA LEU D 123 49.06 19.46 8.19
C LEU D 123 49.93 19.44 6.93
N ARG D 124 50.84 18.48 6.90
CA ARG D 124 51.68 18.26 5.74
C ARG D 124 51.37 16.89 5.15
N ASP D 125 51.66 16.73 3.86
CA ASP D 125 51.38 15.48 3.17
C ASP D 125 52.50 14.47 3.43
N SER D 126 52.12 13.25 3.80
CA SER D 126 53.12 12.20 4.03
C SER D 126 53.74 11.73 2.73
N LYS D 127 53.02 11.83 1.62
CA LYS D 127 53.57 11.41 0.33
C LYS D 127 54.62 12.39 -0.15
N SER D 128 54.23 13.64 -0.38
CA SER D 128 55.15 14.68 -0.83
C SER D 128 54.85 15.96 -0.07
N SER D 129 55.85 16.48 0.64
CA SER D 129 55.67 17.69 1.43
C SER D 129 55.48 18.91 0.53
N ASP D 130 54.34 18.98 -0.17
CA ASP D 130 54.08 20.07 -1.10
C ASP D 130 52.62 20.51 -1.02
N LYS D 131 51.70 19.55 -0.93
CA LYS D 131 50.28 19.83 -0.78
C LYS D 131 49.90 19.74 0.68
N SER D 132 49.17 20.74 1.17
CA SER D 132 48.86 20.87 2.59
C SER D 132 47.36 20.93 2.81
N VAL D 133 46.96 20.83 4.08
CA VAL D 133 45.56 20.74 4.48
C VAL D 133 45.40 21.46 5.80
N CYS D 134 44.31 22.22 5.94
CA CYS D 134 43.99 22.93 7.17
C CYS D 134 42.99 22.13 7.99
N LEU D 135 43.16 22.16 9.32
CA LEU D 135 42.30 21.44 10.23
C LEU D 135 41.65 22.40 11.22
N PHE D 136 40.38 22.18 11.51
CA PHE D 136 39.62 22.96 12.47
C PHE D 136 38.90 21.99 13.39
N THR D 137 39.33 21.92 14.65
CA THR D 137 38.83 20.91 15.58
C THR D 137 38.44 21.56 16.91
N ASP D 138 37.78 20.76 17.74
CA ASP D 138 37.51 21.08 19.14
C ASP D 138 36.66 22.34 19.29
N PHE D 139 35.62 22.47 18.46
CA PHE D 139 34.69 23.57 18.57
C PHE D 139 33.30 23.06 18.94
N ASP D 140 32.43 24.02 19.25
CA ASP D 140 31.07 23.70 19.67
C ASP D 140 30.32 22.95 18.58
N SER D 141 29.37 22.11 19.00
CA SER D 141 28.40 21.58 18.06
C SER D 141 27.53 22.69 17.48
N GLN D 142 27.40 23.81 18.20
CA GLN D 142 26.70 24.97 17.67
C GLN D 142 27.34 25.48 16.39
N THR D 143 28.66 25.36 16.27
CA THR D 143 29.38 25.98 15.17
C THR D 143 28.94 25.41 13.83
N ASN D 144 28.64 26.31 12.89
CA ASN D 144 28.27 25.97 11.53
C ASN D 144 29.44 26.28 10.61
N VAL D 145 30.00 25.26 9.98
CA VAL D 145 31.09 25.44 9.02
C VAL D 145 30.47 25.66 7.64
N SER D 146 30.77 26.81 7.04
CA SER D 146 30.27 27.15 5.72
C SER D 146 31.40 27.04 4.71
N GLN D 147 31.08 26.49 3.54
CA GLN D 147 32.08 26.30 2.51
C GLN D 147 32.59 27.65 2.00
N SER D 148 33.76 27.63 1.38
CA SER D 148 34.43 28.87 1.00
C SER D 148 33.71 29.57 -0.14
N LYS D 149 33.61 30.89 -0.03
CA LYS D 149 33.12 31.69 -1.15
C LYS D 149 34.07 31.63 -2.33
N ASP D 150 35.35 31.38 -2.06
CA ASP D 150 36.32 31.12 -3.12
C ASP D 150 36.13 29.71 -3.65
N SER D 151 35.74 29.58 -4.92
CA SER D 151 35.43 28.28 -5.49
C SER D 151 36.65 27.42 -5.73
N ASP D 152 37.85 27.93 -5.49
CA ASP D 152 39.09 27.16 -5.62
C ASP D 152 39.62 26.68 -4.28
N VAL D 153 38.87 26.88 -3.20
CA VAL D 153 39.22 26.39 -1.87
C VAL D 153 38.02 25.61 -1.34
N TYR D 154 38.26 24.38 -0.90
CA TYR D 154 37.21 23.46 -0.49
C TYR D 154 37.20 23.35 1.03
N ILE D 155 36.02 23.50 1.62
CA ILE D 155 35.83 23.37 3.07
C ILE D 155 34.78 22.29 3.30
N THR D 156 35.15 21.24 4.03
CA THR D 156 34.23 20.16 4.31
C THR D 156 33.30 20.49 5.47
N ASP D 157 32.22 19.72 5.58
CA ASP D 157 31.31 19.87 6.69
C ASP D 157 31.93 19.25 7.94
N LYS D 158 31.33 19.54 9.09
CA LYS D 158 31.85 19.07 10.37
C LYS D 158 31.24 17.72 10.73
N CYS D 159 32.09 16.73 10.91
CA CYS D 159 31.70 15.44 11.47
C CYS D 159 32.14 15.37 12.93
N VAL D 160 31.75 14.29 13.60
CA VAL D 160 32.08 14.09 15.00
C VAL D 160 32.70 12.71 15.18
N LEU D 161 33.85 12.65 15.82
CA LEU D 161 34.52 11.40 16.16
C LEU D 161 34.55 11.23 17.67
N ASP D 162 34.40 10.00 18.12
CA ASP D 162 34.48 9.67 19.54
C ASP D 162 35.70 8.80 19.79
N MET D 163 36.40 9.10 20.87
CA MET D 163 37.64 8.41 21.22
C MET D 163 37.36 7.31 22.22
N ARG D 164 38.33 6.40 22.34
CA ARG D 164 38.10 5.18 23.10
C ARG D 164 37.73 5.54 24.54
N SER D 165 36.87 4.69 25.13
CA SER D 165 36.70 4.57 26.57
C SER D 165 36.29 5.86 27.27
N MET D 166 37.15 6.88 27.21
CA MET D 166 36.91 8.08 28.01
C MET D 166 35.74 8.93 27.52
N ASP D 167 35.01 8.50 26.49
CA ASP D 167 33.83 9.22 25.99
C ASP D 167 34.15 10.67 25.68
N PHE D 168 35.24 10.90 24.95
CA PHE D 168 35.62 12.24 24.53
C PHE D 168 35.39 12.36 23.02
N LYS D 169 34.46 13.23 22.63
CA LYS D 169 34.18 13.52 21.23
C LYS D 169 34.74 14.89 20.88
N SER D 170 34.84 15.15 19.58
CA SER D 170 35.30 16.45 19.09
C SER D 170 34.85 16.63 17.65
N ASN D 171 34.30 17.79 17.34
CA ASN D 171 33.96 18.13 15.96
C ASN D 171 35.23 18.42 15.18
N SER D 172 35.12 18.36 13.85
CA SER D 172 36.28 18.54 12.99
C SER D 172 35.82 18.97 11.61
N ALA D 173 36.51 19.96 11.04
CA ALA D 173 36.31 20.40 9.67
C ALA D 173 37.66 20.50 8.98
N VAL D 174 37.64 20.37 7.65
CA VAL D 174 38.87 20.33 6.84
C VAL D 174 38.75 21.32 5.71
N ALA D 175 39.83 22.06 5.46
CA ALA D 175 39.95 22.95 4.31
C ALA D 175 41.27 22.70 3.61
N TRP D 176 41.25 22.69 2.29
CA TRP D 176 42.44 22.44 1.48
C TRP D 176 42.35 23.24 0.19
N SER D 177 43.46 23.33 -0.52
CA SER D 177 43.52 24.13 -1.74
C SER D 177 44.72 23.67 -2.57
N ASN D 178 45.22 24.55 -3.43
CA ASN D 178 46.38 24.29 -4.28
C ASN D 178 47.07 25.62 -4.64
N ALA D 183 47.50 29.84 2.75
CA ALA D 183 47.86 29.28 4.06
C ALA D 183 46.65 29.26 4.99
N CYS D 184 46.77 28.51 6.08
CA CYS D 184 45.64 28.27 6.98
C CYS D 184 45.43 29.43 7.96
N ALA D 185 45.72 30.66 7.52
CA ALA D 185 45.46 31.83 8.34
C ALA D 185 43.96 31.98 8.58
N ASN D 186 43.23 32.35 7.53
CA ASN D 186 41.78 32.46 7.61
C ASN D 186 41.13 31.58 6.55
N ALA D 187 41.54 30.31 6.49
CA ALA D 187 41.00 29.40 5.48
C ALA D 187 39.50 29.24 5.64
N PHE D 188 39.01 29.17 6.87
CA PHE D 188 37.58 29.08 7.14
C PHE D 188 37.02 30.51 7.27
N ASN D 189 37.04 31.22 6.14
CA ASN D 189 36.60 32.60 6.12
C ASN D 189 35.13 32.75 6.48
N ASN D 190 34.34 31.69 6.32
CA ASN D 190 32.92 31.72 6.67
C ASN D 190 32.69 31.08 8.03
N SER D 191 33.58 31.41 8.98
CA SER D 191 33.40 31.03 10.37
C SER D 191 34.21 31.96 11.27
N ILE D 192 33.51 32.90 11.90
CA ILE D 192 34.11 33.95 12.72
C ILE D 192 33.72 33.67 14.15
N ILE D 193 34.66 33.81 15.09
CA ILE D 193 34.46 33.39 16.47
C ILE D 193 33.06 33.68 17.01
N PRO D 194 32.54 34.92 16.96
CA PRO D 194 31.10 35.06 17.25
C PRO D 194 30.30 34.28 16.21
N GLU D 195 29.95 33.03 16.56
CA GLU D 195 29.40 32.03 15.64
C GLU D 195 28.70 32.57 14.39
N GLY E 2 15.95 -10.68 7.94
CA GLY E 2 16.89 -9.81 7.23
C GLY E 2 16.78 -9.90 5.73
N VAL E 3 16.21 -8.86 5.12
CA VAL E 3 16.08 -8.79 3.67
C VAL E 3 17.30 -8.09 3.10
N SER E 4 17.93 -8.73 2.11
CA SER E 4 19.17 -8.25 1.52
C SER E 4 19.02 -8.08 0.01
N GLN E 5 19.78 -7.15 -0.55
CA GLN E 5 19.76 -6.84 -1.97
C GLN E 5 21.18 -6.85 -2.53
N THR E 6 21.33 -7.35 -3.75
CA THR E 6 22.62 -7.35 -4.44
C THR E 6 22.44 -6.84 -5.87
N PRO E 7 23.40 -6.06 -6.37
CA PRO E 7 24.61 -5.64 -5.65
C PRO E 7 24.42 -4.37 -4.83
N SER E 8 25.45 -3.96 -4.09
CA SER E 8 25.35 -2.74 -3.31
C SER E 8 25.40 -1.51 -4.21
N ASN E 9 26.23 -1.55 -5.26
CA ASN E 9 26.36 -0.45 -6.19
C ASN E 9 26.38 -1.00 -7.61
N LYS E 10 26.01 -0.14 -8.56
CA LYS E 10 25.95 -0.53 -9.96
C LYS E 10 26.11 0.72 -10.81
N VAL E 11 26.99 0.66 -11.81
CA VAL E 11 27.30 1.80 -12.67
C VAL E 11 27.30 1.32 -14.11
N THR E 12 26.46 1.93 -14.95
CA THR E 12 26.34 1.55 -16.35
C THR E 12 26.24 2.80 -17.22
N GLU E 13 26.08 2.59 -18.51
CA GLU E 13 25.99 3.63 -19.53
C GLU E 13 24.56 3.69 -20.07
N LYS E 14 24.33 4.67 -20.96
CA LYS E 14 23.00 5.03 -21.42
C LYS E 14 22.22 3.91 -22.09
N GLY E 15 22.82 2.76 -22.35
CA GLY E 15 22.11 1.76 -23.13
C GLY E 15 22.32 0.31 -22.77
N LYS E 16 22.74 0.04 -21.54
CA LYS E 16 23.03 -1.32 -21.12
C LYS E 16 21.89 -1.90 -20.28
N TYR E 17 21.99 -3.20 -20.01
CA TYR E 17 20.97 -3.96 -19.33
C TYR E 17 21.43 -4.28 -17.91
N VAL E 18 20.54 -4.10 -16.93
CA VAL E 18 20.88 -4.29 -15.53
C VAL E 18 19.83 -5.17 -14.86
N GLU E 19 20.22 -5.78 -13.75
CA GLU E 19 19.35 -6.59 -12.92
C GLU E 19 19.63 -6.31 -11.46
N LEU E 20 18.59 -6.33 -10.64
CA LEU E 20 18.70 -6.13 -9.21
C LEU E 20 18.06 -7.31 -8.49
N ARG E 21 18.76 -7.82 -7.48
CA ARG E 21 18.32 -9.01 -6.75
C ARG E 21 17.88 -8.61 -5.34
N CYS E 22 16.85 -9.29 -4.84
CA CYS E 22 16.33 -9.04 -3.50
C CYS E 22 16.02 -10.37 -2.83
N ASP E 23 16.61 -10.62 -1.66
CA ASP E 23 16.29 -11.79 -0.86
C ASP E 23 15.37 -11.39 0.27
N PRO E 24 14.07 -11.72 0.21
CA PRO E 24 13.15 -11.30 1.27
C PRO E 24 13.36 -12.06 2.57
N ILE E 25 12.60 -11.67 3.60
CA ILE E 25 12.62 -12.40 4.86
C ILE E 25 11.88 -13.72 4.68
N SER E 26 12.45 -14.80 5.22
CA SER E 26 11.85 -16.12 5.09
C SER E 26 10.46 -16.14 5.70
N GLY E 27 9.49 -16.59 4.92
CA GLY E 27 8.11 -16.65 5.35
C GLY E 27 7.23 -15.51 4.86
N HIS E 28 7.82 -14.48 4.26
CA HIS E 28 7.06 -13.35 3.74
C HIS E 28 6.68 -13.62 2.29
N THR E 29 5.38 -13.69 2.01
CA THR E 29 4.89 -13.93 0.66
C THR E 29 4.60 -12.65 -0.10
N ALA E 30 4.57 -11.51 0.57
CA ALA E 30 4.39 -10.22 -0.09
C ALA E 30 5.75 -9.54 -0.24
N LEU E 31 6.08 -9.12 -1.46
CA LEU E 31 7.34 -8.46 -1.75
C LEU E 31 7.08 -7.17 -2.51
N TYR E 32 7.89 -6.16 -2.22
CA TYR E 32 7.73 -4.85 -2.84
C TYR E 32 9.05 -4.37 -3.43
N TRP E 33 8.93 -3.54 -4.46
CA TRP E 33 10.06 -2.84 -5.05
C TRP E 33 9.75 -1.36 -5.00
N TYR E 34 10.71 -0.57 -4.52
CA TYR E 34 10.57 0.87 -4.46
C TYR E 34 11.74 1.51 -5.18
N ARG E 35 11.66 2.82 -5.38
CA ARG E 35 12.75 3.55 -6.02
C ARG E 35 12.81 4.96 -5.44
N GLN E 36 13.98 5.32 -4.93
CA GLN E 36 14.18 6.55 -4.19
C GLN E 36 15.31 7.34 -4.85
N SER E 37 15.02 8.58 -5.23
CA SER E 37 16.02 9.47 -5.78
C SER E 37 16.52 10.42 -4.68
N LEU E 38 17.50 11.24 -5.03
CA LEU E 38 18.15 12.10 -4.05
C LEU E 38 17.18 13.13 -3.51
N GLY E 39 17.14 13.26 -2.18
CA GLY E 39 16.28 14.24 -1.54
C GLY E 39 14.80 13.98 -1.65
N GLN E 40 14.40 12.74 -1.90
CA GLN E 40 13.00 12.39 -2.08
C GLN E 40 12.71 11.12 -1.29
N GLY E 41 11.42 10.84 -1.11
CA GLY E 41 10.99 9.61 -0.50
C GLY E 41 10.82 8.52 -1.54
N PRO E 42 10.65 7.28 -1.09
CA PRO E 42 10.50 6.17 -2.02
C PRO E 42 9.21 6.27 -2.82
N GLU E 43 9.23 5.69 -4.01
CA GLU E 43 8.05 5.58 -4.86
C GLU E 43 7.71 4.11 -5.06
N PHE E 44 6.42 3.79 -4.99
CA PHE E 44 6.00 2.42 -5.22
C PHE E 44 6.22 2.04 -6.68
N LEU E 45 6.71 0.81 -6.88
CA LEU E 45 7.00 0.31 -8.21
C LEU E 45 6.17 -0.93 -8.54
N ILE E 46 6.33 -2.01 -7.77
CA ILE E 46 5.65 -3.28 -8.03
C ILE E 46 5.37 -3.95 -6.69
N TYR E 47 4.46 -4.92 -6.71
CA TYR E 47 4.03 -5.61 -5.49
C TYR E 47 3.64 -7.02 -5.86
N PHE E 48 4.45 -7.99 -5.45
CA PHE E 48 4.18 -9.39 -5.68
C PHE E 48 3.43 -9.99 -4.49
N GLN E 49 2.36 -10.72 -4.77
CA GLN E 49 1.68 -11.54 -3.77
C GLN E 49 1.98 -12.99 -4.12
N GLY E 50 3.14 -13.46 -3.68
CA GLY E 50 3.61 -14.78 -4.06
C GLY E 50 4.41 -14.71 -5.34
N THR E 51 4.09 -15.59 -6.29
CA THR E 51 4.79 -15.64 -7.56
C THR E 51 4.23 -14.67 -8.60
N GLY E 52 3.04 -14.13 -8.37
CA GLY E 52 2.40 -13.23 -9.31
C GLY E 52 2.35 -11.81 -8.78
N ALA E 53 2.44 -10.85 -9.69
CA ALA E 53 2.39 -9.43 -9.32
C ALA E 53 0.94 -8.98 -9.17
N ALA E 54 0.60 -8.49 -7.99
CA ALA E 54 -0.73 -7.97 -7.73
C ALA E 54 -0.90 -6.52 -8.12
N ASP E 55 0.19 -5.76 -8.17
CA ASP E 55 0.12 -4.33 -8.49
C ASP E 55 1.41 -3.95 -9.22
N ASP E 56 1.27 -3.53 -10.48
CA ASP E 56 2.42 -3.08 -11.27
C ASP E 56 2.15 -1.70 -11.86
N SER E 57 1.28 -0.92 -11.22
CA SER E 57 0.97 0.42 -11.72
C SER E 57 2.09 1.41 -11.46
N GLY E 58 2.95 1.14 -10.48
CA GLY E 58 4.11 1.98 -10.24
C GLY E 58 5.26 1.77 -11.20
N LEU E 59 5.18 0.76 -12.05
CA LEU E 59 6.23 0.51 -13.03
C LEU E 59 6.18 1.59 -14.11
N PRO E 60 7.27 2.30 -14.38
CA PRO E 60 7.21 3.48 -15.26
C PRO E 60 7.37 3.21 -16.75
N ASN E 61 7.66 1.99 -17.18
CA ASN E 61 7.96 1.74 -18.58
C ASN E 61 7.72 0.26 -18.90
N ASP E 62 7.69 -0.03 -20.20
CA ASP E 62 7.83 -1.40 -20.67
C ASP E 62 9.26 -1.89 -20.56
N ARG E 63 10.22 -0.99 -20.36
CA ARG E 63 11.60 -1.38 -20.13
C ARG E 63 11.81 -2.03 -18.77
N PHE E 64 10.88 -1.82 -17.84
CA PHE E 64 10.99 -2.33 -16.49
C PHE E 64 10.20 -3.63 -16.37
N PHE E 65 10.85 -4.66 -15.82
CA PHE E 65 10.23 -5.95 -15.60
C PHE E 65 10.74 -6.54 -14.31
N ALA E 66 9.86 -7.21 -13.58
CA ALA E 66 10.22 -7.89 -12.35
C ALA E 66 9.68 -9.31 -12.37
N VAL E 67 10.36 -10.20 -11.67
CA VAL E 67 10.00 -11.61 -11.67
C VAL E 67 10.36 -12.23 -10.32
N ARG E 68 9.43 -13.01 -9.76
CA ARG E 68 9.61 -13.71 -8.49
C ARG E 68 9.17 -15.16 -8.68
N PRO E 69 10.00 -15.96 -9.38
CA PRO E 69 9.51 -17.24 -9.92
C PRO E 69 9.14 -18.28 -8.88
N GLU E 70 9.64 -18.18 -7.66
CA GLU E 70 9.42 -19.22 -6.66
C GLU E 70 8.69 -18.72 -5.42
N GLY E 71 8.21 -17.48 -5.42
CA GLY E 71 7.56 -16.92 -4.24
C GLY E 71 8.51 -16.40 -3.20
N SER E 72 9.77 -16.14 -3.56
CA SER E 72 10.77 -15.67 -2.61
C SER E 72 11.68 -14.64 -3.25
N VAL E 73 12.78 -15.10 -3.84
CA VAL E 73 13.77 -14.19 -4.41
C VAL E 73 13.18 -13.48 -5.62
N SER E 74 13.34 -12.16 -5.65
CA SER E 74 12.84 -11.33 -6.74
C SER E 74 14.00 -10.73 -7.52
N THR E 75 13.80 -10.59 -8.83
CA THR E 75 14.75 -9.94 -9.71
C THR E 75 14.05 -8.82 -10.45
N LEU E 76 14.60 -7.60 -10.36
CA LEU E 76 14.06 -6.44 -11.04
C LEU E 76 14.94 -6.16 -12.26
N LYS E 77 14.38 -6.36 -13.45
CA LYS E 77 15.10 -6.23 -14.70
C LYS E 77 14.80 -4.89 -15.34
N ILE E 78 15.86 -4.15 -15.70
CA ILE E 78 15.73 -2.86 -16.37
C ILE E 78 16.55 -2.93 -17.64
N GLN E 79 15.87 -3.01 -18.78
CA GLN E 79 16.51 -3.07 -20.08
C GLN E 79 16.52 -1.69 -20.74
N ARG E 80 17.48 -1.48 -21.63
CA ARG E 80 17.66 -0.22 -22.33
C ARG E 80 17.61 0.95 -21.35
N THR E 81 18.52 0.89 -20.37
CA THR E 81 18.48 1.78 -19.23
C THR E 81 18.63 3.24 -19.66
N GLU E 82 18.32 4.14 -18.73
CA GLU E 82 18.27 5.57 -19.03
C GLU E 82 18.94 6.34 -17.90
N ARG E 83 19.35 7.57 -18.22
CA ARG E 83 19.91 8.45 -17.18
C ARG E 83 18.89 8.70 -16.07
N GLY E 84 17.61 8.86 -16.44
CA GLY E 84 16.57 9.06 -15.45
C GLY E 84 16.22 7.84 -14.63
N ASP E 85 16.79 6.69 -14.96
CA ASP E 85 16.62 5.48 -14.17
C ASP E 85 17.61 5.39 -13.01
N SER E 86 18.51 6.36 -12.89
CA SER E 86 19.47 6.37 -11.78
C SER E 86 18.75 6.72 -10.49
N ALA E 87 18.79 5.81 -9.52
CA ALA E 87 18.15 5.99 -8.22
C ALA E 87 18.62 4.88 -7.31
N VAL E 88 18.15 4.91 -6.06
CA VAL E 88 18.41 3.86 -5.09
C VAL E 88 17.15 3.01 -5.01
N TYR E 89 17.22 1.80 -5.55
CA TYR E 89 16.06 0.91 -5.61
C TYR E 89 15.97 0.10 -4.34
N LEU E 90 14.86 0.24 -3.62
CA LEU E 90 14.63 -0.43 -2.35
C LEU E 90 13.73 -1.64 -2.54
N CYS E 91 13.83 -2.57 -1.60
CA CYS E 91 13.02 -3.78 -1.59
C CYS E 91 12.42 -3.96 -0.21
N ALA E 92 11.26 -4.61 -0.14
CA ALA E 92 10.55 -4.79 1.12
C ALA E 92 9.89 -6.16 1.14
N SER E 93 9.44 -6.55 2.32
CA SER E 93 8.75 -7.82 2.52
C SER E 93 7.71 -7.65 3.62
N SER E 94 6.67 -8.47 3.57
CA SER E 94 5.57 -8.34 4.51
C SER E 94 4.99 -9.72 4.83
N HIS E 95 4.53 -9.88 6.06
CA HIS E 95 3.77 -11.06 6.45
C HIS E 95 2.29 -10.90 6.18
N GLY E 96 1.78 -9.67 6.23
CA GLY E 96 0.37 -9.39 6.05
C GLY E 96 0.07 -8.79 4.69
N ALA E 97 -1.01 -8.01 4.64
CA ALA E 97 -1.50 -7.45 3.38
C ALA E 97 -0.63 -6.25 2.99
N SER E 98 -1.11 -5.48 2.00
CA SER E 98 -0.40 -4.30 1.53
C SER E 98 -0.45 -3.14 2.53
N THR E 99 -1.27 -3.25 3.57
CA THR E 99 -1.39 -2.21 4.59
C THR E 99 -0.60 -2.51 5.85
N ASP E 100 -0.07 -3.71 6.01
CA ASP E 100 0.62 -4.09 7.23
C ASP E 100 2.06 -3.61 7.17
N THR E 101 2.86 -4.00 8.16
CA THR E 101 4.24 -3.53 8.25
C THR E 101 5.09 -4.15 7.15
N GLN E 102 5.85 -3.32 6.46
CA GLN E 102 6.79 -3.74 5.43
C GLN E 102 8.21 -3.58 5.95
N TYR E 103 9.01 -4.63 5.85
CA TYR E 103 10.39 -4.63 6.32
C TYR E 103 11.32 -4.43 5.12
N PHE E 104 12.07 -3.34 5.13
CA PHE E 104 12.85 -2.90 3.99
C PHE E 104 14.29 -3.40 4.06
N GLY E 105 14.92 -3.46 2.90
CA GLY E 105 16.31 -3.85 2.79
C GLY E 105 17.22 -2.64 2.67
N PRO E 106 18.51 -2.89 2.41
CA PRO E 106 19.45 -1.75 2.31
C PRO E 106 19.26 -0.92 1.07
N GLY E 107 19.04 -1.55 -0.09
CA GLY E 107 18.89 -0.85 -1.34
C GLY E 107 20.11 -1.00 -2.23
N THR E 108 19.90 -0.74 -3.52
CA THR E 108 20.95 -0.79 -4.52
C THR E 108 21.07 0.58 -5.17
N ARG E 109 22.23 1.20 -5.02
CA ARG E 109 22.48 2.53 -5.58
C ARG E 109 22.81 2.38 -7.06
N LEU E 110 21.80 2.58 -7.91
CA LEU E 110 21.99 2.51 -9.36
C LEU E 110 22.27 3.92 -9.88
N THR E 111 23.40 4.10 -10.56
CA THR E 111 23.74 5.35 -11.22
C THR E 111 24.04 5.05 -12.67
N VAL E 112 23.11 5.42 -13.55
CA VAL E 112 23.26 5.21 -14.98
C VAL E 112 23.86 6.46 -15.60
N LEU E 113 25.06 6.33 -16.16
CA LEU E 113 25.76 7.46 -16.75
C LEU E 113 25.41 7.58 -18.23
N GLU E 114 25.66 8.78 -18.77
CA GLU E 114 25.51 8.99 -20.20
C GLU E 114 26.73 8.45 -20.97
N ASP E 115 27.88 8.39 -20.31
CA ASP E 115 29.10 7.92 -20.94
C ASP E 115 30.09 7.52 -19.84
N LEU E 116 30.73 6.36 -20.02
CA LEU E 116 31.74 5.89 -19.09
C LEU E 116 33.08 6.60 -19.26
N LYS E 117 33.18 7.57 -20.16
CA LYS E 117 34.45 8.25 -20.42
C LYS E 117 34.88 9.15 -19.27
N ASN E 118 33.94 9.56 -18.41
CA ASN E 118 34.26 10.40 -17.27
C ASN E 118 34.45 9.62 -15.98
N VAL E 119 34.42 8.30 -16.05
CA VAL E 119 34.66 7.48 -14.87
C VAL E 119 36.14 7.56 -14.51
N PHE E 120 36.45 8.20 -13.40
CA PHE E 120 37.81 8.38 -12.92
C PHE E 120 37.91 7.87 -11.49
N PRO E 121 38.82 6.94 -11.19
CA PRO E 121 39.00 6.51 -9.80
C PRO E 121 39.63 7.60 -8.96
N PRO E 122 39.49 7.53 -7.64
CA PRO E 122 40.04 8.58 -6.79
C PRO E 122 41.54 8.43 -6.55
N GLU E 123 42.20 9.58 -6.42
CA GLU E 123 43.56 9.66 -5.91
C GLU E 123 43.48 10.04 -4.43
N VAL E 124 44.22 9.31 -3.60
CA VAL E 124 44.10 9.45 -2.15
C VAL E 124 45.46 9.78 -1.56
N ALA E 125 45.43 10.56 -0.47
CA ALA E 125 46.64 10.95 0.24
C ALA E 125 46.30 11.16 1.71
N VAL E 126 47.18 10.72 2.58
CA VAL E 126 47.02 10.87 4.02
C VAL E 126 47.99 11.94 4.52
N PHE E 127 47.53 12.79 5.42
CA PHE E 127 48.29 13.93 5.91
C PHE E 127 48.65 13.69 7.37
N GLU E 128 49.94 13.81 7.70
CA GLU E 128 50.41 13.56 9.05
C GLU E 128 50.00 14.70 9.98
N PRO E 129 49.76 14.41 11.25
CA PRO E 129 49.31 15.45 12.17
C PRO E 129 50.35 16.54 12.39
N SER E 130 49.84 17.71 12.77
CA SER E 130 50.71 18.84 13.07
C SER E 130 51.24 18.74 14.50
N GLU E 131 52.48 19.18 14.69
CA GLU E 131 53.04 19.24 16.04
C GLU E 131 52.28 20.24 16.90
N ALA E 132 51.56 21.19 16.29
CA ALA E 132 50.79 22.16 17.05
C ALA E 132 49.70 21.47 17.87
N GLU E 133 48.85 20.68 17.22
CA GLU E 133 47.78 20.00 17.94
C GLU E 133 48.33 18.89 18.82
N ILE E 134 49.49 18.33 18.45
CA ILE E 134 50.13 17.33 19.31
C ILE E 134 50.55 17.97 20.63
N SER E 135 51.29 19.07 20.55
CA SER E 135 51.74 19.76 21.76
C SER E 135 50.58 20.37 22.52
N HIS E 136 49.50 20.74 21.83
CA HIS E 136 48.40 21.43 22.47
C HIS E 136 47.45 20.44 23.16
N THR E 137 46.81 19.58 22.40
CA THR E 137 45.73 18.74 22.89
C THR E 137 46.16 17.31 23.21
N GLN E 138 47.46 17.00 23.10
CA GLN E 138 47.99 15.65 23.33
C GLN E 138 47.37 14.62 22.39
N LYS E 139 46.71 15.06 21.33
CA LYS E 139 46.10 14.20 20.34
C LYS E 139 46.76 14.42 18.99
N ALA E 140 46.48 13.53 18.05
CA ALA E 140 47.08 13.57 16.72
C ALA E 140 46.02 13.18 15.71
N THR E 141 45.64 14.11 14.83
CA THR E 141 44.59 13.91 13.85
C THR E 141 45.22 13.70 12.48
N LEU E 142 45.16 12.46 11.98
CA LEU E 142 45.45 12.20 10.58
C LEU E 142 44.23 12.55 9.73
N VAL E 143 44.48 12.96 8.50
CA VAL E 143 43.42 13.36 7.58
C VAL E 143 43.62 12.63 6.26
N CYS E 144 42.61 11.89 5.84
CA CYS E 144 42.61 11.23 4.54
C CYS E 144 41.85 12.08 3.54
N LEU E 145 42.29 12.04 2.28
CA LEU E 145 41.72 12.92 1.25
C LEU E 145 41.62 12.15 -0.06
N ALA E 146 40.40 11.75 -0.42
CA ALA E 146 40.11 11.15 -1.71
C ALA E 146 39.55 12.23 -2.62
N THR E 147 40.24 12.50 -3.73
CA THR E 147 39.88 13.61 -4.61
C THR E 147 39.90 13.16 -6.06
N GLY E 148 39.04 13.79 -6.85
CA GLY E 148 39.03 13.58 -8.29
C GLY E 148 38.42 12.28 -8.75
N PHE E 149 37.35 11.83 -8.12
CA PHE E 149 36.69 10.59 -8.51
C PHE E 149 35.28 10.86 -9.04
N PHE E 150 34.89 10.06 -10.03
CA PHE E 150 33.57 10.12 -10.61
C PHE E 150 33.21 8.73 -11.12
N PRO E 151 32.01 8.24 -10.78
CA PRO E 151 30.94 8.91 -10.03
C PRO E 151 31.13 8.94 -8.52
N ASP E 152 30.00 8.90 -7.81
CA ASP E 152 29.93 9.18 -6.39
C ASP E 152 30.16 7.96 -5.51
N HIS E 153 30.31 6.77 -6.07
CA HIS E 153 30.33 5.53 -5.29
C HIS E 153 31.71 5.35 -4.67
N VAL E 154 31.84 5.69 -3.38
CA VAL E 154 33.07 5.48 -2.63
C VAL E 154 32.72 5.04 -1.21
N GLU E 155 33.62 4.28 -0.61
CA GLU E 155 33.51 3.87 0.79
C GLU E 155 34.90 3.92 1.41
N LEU E 156 35.05 4.73 2.46
CA LEU E 156 36.34 4.99 3.06
C LEU E 156 36.46 4.26 4.39
N SER E 157 37.65 3.73 4.66
CA SER E 157 37.91 3.00 5.90
C SER E 157 39.35 3.21 6.31
N TRP E 158 39.58 3.24 7.62
CA TRP E 158 40.91 3.38 8.19
C TRP E 158 41.44 2.04 8.64
N TRP E 159 42.77 1.91 8.65
CA TRP E 159 43.44 0.67 9.03
C TRP E 159 44.69 1.00 9.82
N VAL E 160 44.79 0.43 11.03
CA VAL E 160 45.93 0.66 11.92
C VAL E 160 46.54 -0.70 12.25
N ASN E 161 47.79 -0.90 11.84
CA ASN E 161 48.56 -2.12 12.09
C ASN E 161 47.89 -3.35 11.47
N GLY E 162 47.06 -3.15 10.45
CA GLY E 162 46.40 -4.24 9.76
C GLY E 162 44.94 -4.43 10.13
N LYS E 163 44.52 -3.90 11.27
CA LYS E 163 43.14 -4.02 11.73
C LYS E 163 42.38 -2.75 11.39
N GLU E 164 41.11 -2.91 11.00
CA GLU E 164 40.26 -1.77 10.69
C GLU E 164 39.74 -1.16 11.98
N VAL E 165 40.00 0.12 12.18
CA VAL E 165 39.60 0.82 13.41
C VAL E 165 38.27 1.51 13.17
N HIS E 166 37.41 1.48 14.19
CA HIS E 166 36.13 2.16 14.16
C HIS E 166 36.00 3.28 15.19
N SER E 167 36.95 3.39 16.12
CA SER E 167 36.93 4.45 17.12
C SER E 167 37.86 5.59 16.69
N GLY E 168 37.48 6.81 17.04
CA GLY E 168 38.25 7.97 16.63
C GLY E 168 38.29 8.17 15.13
N VAL E 169 37.19 7.90 14.45
CA VAL E 169 37.09 8.00 12.99
C VAL E 169 35.97 8.97 12.65
N CYS E 170 36.15 9.70 11.55
CA CYS E 170 35.30 10.85 11.22
C CYS E 170 35.34 11.03 9.70
N THR E 171 34.29 10.57 9.02
CA THR E 171 34.18 10.72 7.58
C THR E 171 33.01 11.62 7.24
N ASP E 172 33.09 12.27 6.08
CA ASP E 172 32.03 13.17 5.65
C ASP E 172 30.79 12.38 5.24
N PRO E 173 29.60 12.95 5.45
CA PRO E 173 28.37 12.25 5.04
C PRO E 173 28.24 12.17 3.52
N GLN E 174 28.37 13.32 2.86
CA GLN E 174 28.28 13.43 1.42
C GLN E 174 29.55 14.07 0.86
N PRO E 175 30.05 13.57 -0.27
CA PRO E 175 31.25 14.18 -0.87
C PRO E 175 31.01 15.58 -1.39
N LEU E 176 32.02 16.16 -2.02
CA LEU E 176 31.95 17.51 -2.58
C LEU E 176 32.15 17.46 -4.08
N LYS E 177 31.65 18.49 -4.76
CA LYS E 177 31.92 18.66 -6.19
C LYS E 177 33.19 19.48 -6.36
N GLU E 178 34.08 19.01 -7.25
CA GLU E 178 35.30 19.74 -7.55
C GLU E 178 34.97 21.13 -8.09
N GLN E 179 34.22 21.17 -9.19
CA GLN E 179 33.64 22.42 -9.69
C GLN E 179 32.12 22.28 -9.64
N PRO E 180 31.44 22.98 -8.73
CA PRO E 180 30.00 22.74 -8.56
C PRO E 180 29.15 23.06 -9.78
N ALA E 181 29.70 23.76 -10.79
CA ALA E 181 28.92 24.09 -11.97
C ALA E 181 28.73 22.88 -12.86
N LEU E 182 29.81 22.13 -13.11
CA LEU E 182 29.74 20.99 -14.02
C LEU E 182 28.88 19.88 -13.45
N ASN E 183 28.21 19.16 -14.37
CA ASN E 183 27.46 17.98 -13.97
C ASN E 183 28.36 16.76 -13.87
N ASP E 184 29.34 16.64 -14.77
CA ASP E 184 30.33 15.58 -14.70
C ASP E 184 31.50 16.03 -13.83
N SER E 185 31.21 16.80 -12.79
CA SER E 185 32.23 17.28 -11.87
C SER E 185 32.76 16.12 -11.03
N ARG E 186 34.08 16.00 -10.97
CA ARG E 186 34.69 15.01 -10.10
C ARG E 186 34.43 15.36 -8.64
N TYR E 187 34.61 14.38 -7.76
CA TYR E 187 34.19 14.49 -6.38
C TYR E 187 35.39 14.45 -5.44
N ALA E 188 35.13 14.83 -4.18
CA ALA E 188 36.14 14.85 -3.14
C ALA E 188 35.53 14.40 -1.82
N LEU E 189 36.26 13.57 -1.08
CA LEU E 189 35.79 13.04 0.19
C LEU E 189 36.92 13.11 1.21
N SER E 190 36.60 13.60 2.40
CA SER E 190 37.56 13.77 3.48
C SER E 190 37.28 12.79 4.61
N SER E 191 38.27 12.61 5.49
CA SER E 191 38.13 11.73 6.63
C SER E 191 39.20 12.07 7.66
N ARG E 192 38.85 11.82 8.93
CA ARG E 192 39.71 12.15 10.06
C ARG E 192 39.92 10.92 10.92
N LEU E 193 41.15 10.74 11.41
CA LEU E 193 41.48 9.70 12.37
C LEU E 193 42.29 10.34 13.50
N ARG E 194 41.69 10.43 14.68
CA ARG E 194 42.33 11.06 15.83
C ARG E 194 42.76 9.98 16.81
N VAL E 195 44.07 9.91 17.05
CA VAL E 195 44.63 9.01 18.06
C VAL E 195 45.35 9.84 19.10
N SER E 196 45.99 9.18 20.06
CA SER E 196 46.78 9.91 21.04
C SER E 196 48.17 10.19 20.48
N ALA E 197 48.81 11.23 21.03
CA ALA E 197 50.12 11.63 20.54
C ALA E 197 51.15 10.52 20.73
N THR E 198 51.17 9.92 21.92
CA THR E 198 52.12 8.84 22.20
C THR E 198 51.94 7.66 21.26
N PHE E 199 50.71 7.45 20.77
CA PHE E 199 50.50 6.39 19.79
C PHE E 199 51.02 6.80 18.41
N TRP E 200 50.86 8.07 18.05
CA TRP E 200 51.39 8.53 16.77
C TRP E 200 52.91 8.66 16.79
N GLN E 201 53.48 9.01 17.95
CA GLN E 201 54.93 9.14 18.09
C GLN E 201 55.56 7.77 18.37
N ASN E 202 55.36 6.86 17.42
CA ASN E 202 55.84 5.49 17.53
C ASN E 202 55.98 4.90 16.13
N PRO E 203 57.21 4.80 15.61
CA PRO E 203 57.39 4.30 14.24
C PRO E 203 56.88 2.88 14.03
N ARG E 204 56.65 2.13 15.10
CA ARG E 204 56.12 0.77 14.96
C ARG E 204 54.69 0.76 14.44
N ASN E 205 53.98 1.88 14.51
CA ASN E 205 52.58 1.94 14.11
C ASN E 205 52.44 2.33 12.66
N HIS E 206 51.56 1.62 11.94
CA HIS E 206 51.32 1.84 10.53
C HIS E 206 49.87 2.24 10.33
N PHE E 207 49.64 3.32 9.60
CA PHE E 207 48.30 3.84 9.34
C PHE E 207 48.02 3.78 7.85
N ARG E 208 46.85 3.25 7.48
CA ARG E 208 46.50 3.05 6.08
C ARG E 208 45.05 3.46 5.86
N CYS E 209 44.83 4.30 4.86
CA CYS E 209 43.50 4.76 4.49
C CYS E 209 43.13 4.16 3.15
N GLN E 210 42.05 3.38 3.12
CA GLN E 210 41.56 2.74 1.90
C GLN E 210 40.22 3.33 1.52
N VAL E 211 40.07 3.68 0.25
CA VAL E 211 38.79 4.10 -0.31
C VAL E 211 38.36 3.07 -1.34
N GLN E 212 37.15 2.55 -1.19
CA GLN E 212 36.62 1.53 -2.09
C GLN E 212 35.82 2.22 -3.19
N PHE E 213 36.34 2.18 -4.42
CA PHE E 213 35.70 2.79 -5.56
C PHE E 213 34.92 1.75 -6.34
N TYR E 214 33.72 2.12 -6.78
CA TYR E 214 32.86 1.26 -7.57
C TYR E 214 32.76 1.86 -8.97
N GLY E 215 33.42 1.22 -9.93
CA GLY E 215 33.47 1.73 -11.29
C GLY E 215 32.93 0.76 -12.32
N LEU E 216 33.76 0.44 -13.31
CA LEU E 216 33.32 -0.38 -14.43
C LEU E 216 33.34 -1.86 -14.06
N SER E 217 32.57 -2.64 -14.81
CA SER E 217 32.49 -4.08 -14.60
C SER E 217 33.66 -4.78 -15.27
N GLU E 218 33.55 -6.09 -15.47
CA GLU E 218 34.58 -6.84 -16.18
C GLU E 218 34.26 -6.94 -17.67
N ASN E 219 32.97 -7.06 -18.02
CA ASN E 219 32.60 -7.12 -19.43
C ASN E 219 32.72 -5.77 -20.12
N ASP E 220 32.73 -4.68 -19.37
CA ASP E 220 32.85 -3.35 -19.95
C ASP E 220 34.27 -3.18 -20.50
N GLU E 221 34.40 -3.26 -21.82
CA GLU E 221 35.69 -3.01 -22.43
C GLU E 221 35.90 -1.51 -22.62
N TRP E 222 37.17 -1.10 -22.67
CA TRP E 222 37.54 0.29 -22.52
C TRP E 222 38.58 0.66 -23.58
N THR E 223 38.19 1.54 -24.51
CA THR E 223 39.07 1.98 -25.60
C THR E 223 39.39 3.45 -25.36
N GLN E 224 40.48 3.70 -24.63
CA GLN E 224 40.89 5.06 -24.29
C GLN E 224 42.30 5.01 -23.73
N ASP E 225 42.98 6.16 -23.79
CA ASP E 225 44.35 6.24 -23.27
C ASP E 225 44.39 6.01 -21.76
N ARG E 226 43.30 6.34 -21.06
CA ARG E 226 43.23 6.11 -19.63
C ARG E 226 43.13 4.61 -19.33
N ALA E 227 43.74 4.22 -18.22
CA ALA E 227 43.56 2.85 -17.73
C ALA E 227 42.09 2.63 -17.37
N LYS E 228 41.62 1.42 -17.59
CA LYS E 228 40.21 1.10 -17.40
C LYS E 228 39.80 1.39 -15.95
N PRO E 229 38.88 2.30 -15.70
CA PRO E 229 38.50 2.61 -14.33
C PRO E 229 37.62 1.54 -13.71
N VAL E 230 38.21 0.38 -13.41
CA VAL E 230 37.46 -0.73 -12.83
C VAL E 230 37.17 -0.44 -11.36
N THR E 231 36.15 -1.13 -10.83
CA THR E 231 35.92 -1.12 -9.39
C THR E 231 37.18 -1.58 -8.66
N GLN E 232 37.75 -0.70 -7.84
CA GLN E 232 39.08 -0.92 -7.28
C GLN E 232 39.17 -0.27 -5.91
N ILE E 233 40.31 -0.50 -5.26
CA ILE E 233 40.63 0.12 -3.98
C ILE E 233 41.90 0.95 -4.16
N VAL E 234 41.85 2.20 -3.73
CA VAL E 234 43.02 3.09 -3.73
C VAL E 234 43.38 3.38 -2.29
N SER E 235 44.65 3.18 -1.94
CA SER E 235 45.10 3.27 -0.56
C SER E 235 46.18 4.34 -0.41
N ALA E 236 46.29 4.85 0.81
CA ALA E 236 47.33 5.77 1.19
C ALA E 236 47.76 5.43 2.61
N GLU E 237 49.07 5.48 2.87
CA GLU E 237 49.61 5.02 4.13
C GLU E 237 50.64 6.00 4.68
N ALA E 238 50.87 5.89 5.99
CA ALA E 238 51.85 6.72 6.68
C ALA E 238 52.26 6.01 7.97
N TRP E 239 53.50 6.25 8.38
CA TRP E 239 54.06 5.65 9.58
C TRP E 239 54.15 6.68 10.70
N GLY E 240 54.17 6.19 11.94
CA GLY E 240 54.38 7.07 13.07
C GLY E 240 55.77 7.67 13.04
N ARG E 241 55.89 8.86 13.62
CA ARG E 241 57.13 9.62 13.56
C ARG E 241 57.43 10.23 14.93
N ALA E 242 58.70 10.18 15.32
CA ALA E 242 59.14 10.74 16.59
C ALA E 242 59.99 11.99 16.38
#